data_7LGT
#
_entry.id   7LGT
#
_cell.length_a   57.144
_cell.length_b   62.854
_cell.length_c   63.010
_cell.angle_alpha   77.150
_cell.angle_beta   77.000
_cell.angle_gamma   77.860
#
_symmetry.space_group_name_H-M   'P 1'
#
loop_
_entity.id
_entity.type
_entity.pdbx_description
1 polymer 'HLA class I histocompatibility antigen, B alpha chain'
2 polymer Beta-2-microglobulin
3 polymer 'Nucleoprotein peptide N75-83'
4 non-polymer 'ZINC ION'
5 non-polymer 'SODIUM ION'
6 non-polymer 'CHLORIDE ION'
7 non-polymer 'POTASSIUM ION'
8 non-polymer 'BROMIDE ION'
9 water water
#
loop_
_entity_poly.entity_id
_entity_poly.type
_entity_poly.pdbx_seq_one_letter_code
_entity_poly.pdbx_strand_id
1 'polypeptide(L)'
;GSHSMRYFYTSVSRPGRGEPRFISVGYVDDTQFVRFDSDAASPREEPRAPWIEQEGPEYWDRNTQIYKAQAQTDRESLRN
LRGYYNQSEAGSHTLQSMYGCDVGPDGRLLRGHDQYAYDGKDYIALNEDLRSWTAADTAAQITQRKWEAAREAEQRRAYL
EGECVEWLRRYLENGKDKLERADPPKTHVTHHPISDHEATLRCWALGFYPAEITLTWQRDGEDQTQDTELVETRPAGDRT
FQKWAAVVVPSGEEQRYTCHVQHEGLPKPLTLRWEPSS
;
A,C
2 'polypeptide(L)'
;MIQRTPKIQVYSRHPAENGKSNFLNCYVSGFHPSDIEVDLLKNGERIEKVEHSDLSFSKDWSFYLLYYTEFTPTEKDEYA
CRVNHVTLSQPKIVKWDRDM
;
B,D
3 'polypeptide(L)' SPKLHFYYL E,F
#
# COMPACT_ATOMS: atom_id res chain seq x y z
N GLY A 1 -6.51 -34.59 -5.98
CA GLY A 1 -5.84 -35.12 -7.15
C GLY A 1 -4.43 -34.60 -7.32
N SER A 2 -4.11 -34.11 -8.52
CA SER A 2 -2.77 -33.61 -8.84
C SER A 2 -2.64 -32.16 -8.36
N HIS A 3 -1.46 -31.82 -7.85
CA HIS A 3 -1.18 -30.48 -7.37
C HIS A 3 0.16 -30.00 -7.94
N SER A 4 0.36 -28.69 -7.92
CA SER A 4 1.56 -28.11 -8.51
C SER A 4 1.98 -26.86 -7.76
N MET A 5 3.29 -26.61 -7.74
CA MET A 5 3.86 -25.35 -7.30
C MET A 5 4.64 -24.77 -8.47
N ARG A 6 4.54 -23.46 -8.67
CA ARG A 6 5.18 -22.80 -9.82
C ARG A 6 5.67 -21.41 -9.41
N TYR A 7 6.87 -21.06 -9.87
CA TYR A 7 7.34 -19.70 -9.73
C TYR A 7 7.49 -19.09 -11.12
N PHE A 8 7.03 -17.85 -11.27
CA PHE A 8 7.07 -17.15 -12.57
C PHE A 8 7.93 -15.90 -12.42
N TYR A 9 9.04 -15.82 -13.18
CA TYR A 9 9.93 -14.65 -13.11
C TYR A 9 9.89 -13.87 -14.43
N THR A 10 9.85 -12.55 -14.33
CA THR A 10 10.01 -11.68 -15.49
C THR A 10 11.08 -10.62 -15.19
N SER A 11 12.13 -10.58 -16.00
CA SER A 11 13.09 -9.49 -15.95
C SER A 11 13.01 -8.71 -17.25
N VAL A 12 12.88 -7.39 -17.14
CA VAL A 12 12.76 -6.52 -18.32
C VAL A 12 13.86 -5.49 -18.26
N SER A 13 14.68 -5.44 -19.29
CA SER A 13 15.66 -4.37 -19.37
C SER A 13 14.96 -3.14 -19.91
N ARG A 14 15.27 -1.99 -19.31
CA ARG A 14 14.71 -0.71 -19.75
C ARG A 14 15.86 0.28 -19.84
N PRO A 15 16.78 0.07 -20.79
CA PRO A 15 18.03 0.85 -20.78
C PRO A 15 17.77 2.34 -20.82
N GLY A 16 16.73 2.77 -21.51
CA GLY A 16 16.46 4.19 -21.56
C GLY A 16 15.85 4.75 -20.31
N ARG A 17 15.43 3.90 -19.37
CA ARG A 17 14.79 4.38 -18.15
C ARG A 17 15.67 4.26 -16.92
N GLY A 18 16.67 3.38 -16.96
CA GLY A 18 17.49 3.12 -15.80
C GLY A 18 17.61 1.63 -15.51
N GLU A 19 17.20 1.22 -14.32
CA GLU A 19 17.41 -0.14 -13.87
C GLU A 19 16.38 -1.08 -14.51
N PRO A 20 16.76 -2.34 -14.77
CA PRO A 20 15.76 -3.34 -15.16
C PRO A 20 14.74 -3.55 -14.04
N ARG A 21 13.62 -4.14 -14.40
CA ARG A 21 12.64 -4.58 -13.43
C ARG A 21 12.69 -6.09 -13.27
N PHE A 22 12.55 -6.58 -12.04
CA PHE A 22 12.37 -8.00 -11.77
C PHE A 22 11.08 -8.20 -10.99
N ILE A 23 10.21 -9.08 -11.49
CA ILE A 23 8.98 -9.45 -10.80
C ILE A 23 8.92 -10.96 -10.69
N SER A 24 8.48 -11.45 -9.52
CA SER A 24 8.29 -12.88 -9.28
C SER A 24 6.92 -13.08 -8.67
N VAL A 25 6.22 -14.10 -9.11
CA VAL A 25 5.03 -14.54 -8.39
C VAL A 25 5.13 -16.04 -8.24
N GLY A 26 4.54 -16.55 -7.17
CA GLY A 26 4.51 -17.97 -6.89
C GLY A 26 3.08 -18.43 -6.75
N TYR A 27 2.80 -19.60 -7.32
CA TYR A 27 1.47 -20.18 -7.34
C TYR A 27 1.53 -21.57 -6.74
N VAL A 28 0.48 -21.92 -5.99
CA VAL A 28 0.13 -23.31 -5.74
C VAL A 28 -1.19 -23.59 -6.43
N ASP A 29 -1.21 -24.55 -7.34
CA ASP A 29 -2.35 -24.76 -8.23
C ASP A 29 -2.67 -23.42 -8.88
N ASP A 30 -3.93 -22.98 -8.92
CA ASP A 30 -4.30 -21.71 -9.50
C ASP A 30 -4.33 -20.57 -8.50
N THR A 31 -3.71 -20.74 -7.34
CA THR A 31 -3.76 -19.73 -6.30
C THR A 31 -2.40 -19.05 -6.16
N GLN A 32 -2.34 -17.75 -6.41
CA GLN A 32 -1.14 -16.99 -6.16
C GLN A 32 -0.91 -16.89 -4.65
N PHE A 33 0.31 -17.11 -4.20
CA PHE A 33 0.56 -16.98 -2.76
C PHE A 33 1.71 -16.05 -2.38
N VAL A 34 2.65 -15.74 -3.27
CA VAL A 34 3.70 -14.78 -2.96
C VAL A 34 3.95 -13.89 -4.18
N ARG A 35 4.59 -12.75 -3.93
CA ARG A 35 5.07 -11.86 -4.99
C ARG A 35 6.31 -11.12 -4.51
N PHE A 36 7.16 -10.70 -5.47
CA PHE A 36 8.29 -9.81 -5.27
C PHE A 36 8.38 -8.88 -6.47
N ASP A 37 8.63 -7.60 -6.21
CA ASP A 37 8.71 -6.61 -7.29
C ASP A 37 9.88 -5.69 -7.02
N SER A 38 10.91 -5.78 -7.86
CA SER A 38 12.09 -4.94 -7.70
C SER A 38 11.73 -3.46 -7.69
N ASP A 39 10.54 -3.08 -8.18
CA ASP A 39 10.12 -1.70 -8.33
C ASP A 39 9.30 -1.20 -7.15
N ALA A 40 9.22 -1.95 -6.06
CA ALA A 40 8.51 -1.47 -4.88
C ALA A 40 9.45 -0.59 -4.04
N ALA A 41 8.87 0.05 -3.03
CA ALA A 41 9.63 0.95 -2.15
C ALA A 41 10.90 0.29 -1.64
N SER A 42 10.77 -0.62 -0.67
CA SER A 42 11.87 -1.51 -0.33
C SER A 42 11.45 -2.92 -0.72
N PRO A 43 12.07 -3.52 -1.73
CA PRO A 43 11.53 -4.77 -2.28
C PRO A 43 11.60 -5.93 -1.30
N ARG A 44 10.48 -6.62 -1.16
CA ARG A 44 10.41 -7.73 -0.22
C ARG A 44 9.41 -8.73 -0.76
N GLU A 45 9.66 -10.02 -0.50
CA GLU A 45 8.65 -11.01 -0.82
C GLU A 45 7.46 -10.78 0.09
N GLU A 46 6.26 -10.82 -0.48
CA GLU A 46 5.07 -10.52 0.31
C GLU A 46 4.01 -11.60 0.14
N PRO A 47 3.20 -11.84 1.18
CA PRO A 47 2.16 -12.87 1.10
C PRO A 47 1.00 -12.39 0.24
N ARG A 48 0.38 -13.32 -0.50
CA ARG A 48 -0.75 -12.99 -1.36
C ARG A 48 -1.91 -13.96 -1.18
N ALA A 49 -1.87 -14.81 -0.16
CA ALA A 49 -2.86 -15.81 0.15
C ALA A 49 -2.89 -15.91 1.66
N PRO A 50 -4.07 -16.10 2.28
CA PRO A 50 -4.15 -16.06 3.74
C PRO A 50 -3.37 -17.17 4.44
N TRP A 51 -3.24 -18.35 3.83
CA TRP A 51 -2.58 -19.48 4.48
C TRP A 51 -1.05 -19.38 4.50
N ILE A 52 -0.46 -18.44 3.75
CA ILE A 52 0.99 -18.28 3.81
C ILE A 52 1.42 -17.27 4.88
N GLU A 53 0.50 -16.44 5.36
CA GLU A 53 0.90 -15.39 6.30
C GLU A 53 1.42 -15.96 7.61
N GLN A 54 1.11 -17.23 7.92
CA GLN A 54 1.65 -17.84 9.13
C GLN A 54 3.16 -18.12 9.06
N GLU A 55 3.79 -18.00 7.89
CA GLU A 55 5.23 -18.23 7.83
C GLU A 55 5.95 -17.16 8.63
N GLY A 56 6.97 -17.58 9.38
CA GLY A 56 7.72 -16.68 10.23
C GLY A 56 8.61 -15.73 9.46
N PRO A 57 9.23 -14.79 10.18
CA PRO A 57 10.03 -13.76 9.49
C PRO A 57 11.23 -14.32 8.74
N GLU A 58 11.79 -15.44 9.21
CA GLU A 58 12.92 -16.01 8.49
C GLU A 58 12.53 -16.47 7.09
N TYR A 59 11.25 -16.82 6.88
CA TYR A 59 10.79 -17.22 5.56
C TYR A 59 10.90 -16.06 4.58
N TRP A 60 10.29 -14.94 4.93
CA TRP A 60 10.28 -13.77 4.05
C TRP A 60 11.69 -13.20 3.86
N ASP A 61 12.51 -13.21 4.92
CA ASP A 61 13.87 -12.69 4.78
C ASP A 61 14.73 -13.58 3.88
N ARG A 62 14.65 -14.89 4.07
CA ARG A 62 15.42 -15.78 3.22
CA ARG A 62 15.42 -15.80 3.21
C ARG A 62 15.00 -15.63 1.76
N ASN A 63 13.68 -15.61 1.50
CA ASN A 63 13.21 -15.59 0.11
C ASN A 63 13.48 -14.24 -0.54
N THR A 64 13.37 -13.15 0.24
CA THR A 64 13.73 -11.83 -0.29
C THR A 64 15.18 -11.80 -0.76
N GLN A 65 16.09 -12.37 0.05
CA GLN A 65 17.50 -12.46 -0.33
C GLN A 65 17.67 -13.18 -1.67
N ILE A 66 16.92 -14.27 -1.89
CA ILE A 66 17.02 -15.03 -3.13
C ILE A 66 16.57 -14.20 -4.33
N TYR A 67 15.42 -13.51 -4.21
CA TYR A 67 14.91 -12.72 -5.34
C TYR A 67 15.84 -11.57 -5.68
N LYS A 68 16.47 -10.95 -4.67
CA LYS A 68 17.36 -9.83 -4.94
C LYS A 68 18.57 -10.29 -5.74
N ALA A 69 19.11 -11.45 -5.38
CA ALA A 69 20.22 -12.03 -6.12
C ALA A 69 19.78 -12.52 -7.50
N GLN A 70 18.59 -13.12 -7.58
CA GLN A 70 18.05 -13.50 -8.89
C GLN A 70 17.93 -12.28 -9.80
N ALA A 71 17.44 -11.16 -9.28
CA ALA A 71 17.34 -9.96 -10.11
C ALA A 71 18.70 -9.55 -10.63
N GLN A 72 19.74 -9.62 -9.78
CA GLN A 72 21.10 -9.29 -10.22
C GLN A 72 21.62 -10.27 -11.26
N THR A 73 21.37 -11.56 -11.07
CA THR A 73 21.85 -12.54 -12.03
C THR A 73 21.18 -12.34 -13.38
N ASP A 74 19.86 -12.09 -13.36
CA ASP A 74 19.09 -11.88 -14.58
C ASP A 74 19.57 -10.66 -15.35
N ARG A 75 19.94 -9.57 -14.67
CA ARG A 75 20.47 -8.42 -15.38
CA ARG A 75 20.50 -8.41 -15.35
C ARG A 75 21.71 -8.80 -16.19
N GLU A 76 22.57 -9.63 -15.63
CA GLU A 76 23.75 -10.04 -16.38
C GLU A 76 23.37 -11.02 -17.47
N SER A 77 22.36 -11.86 -17.23
CA SER A 77 21.85 -12.75 -18.28
C SER A 77 21.32 -11.94 -19.46
N LEU A 78 20.60 -10.86 -19.18
CA LEU A 78 20.06 -10.02 -20.24
C LEU A 78 21.17 -9.36 -21.05
N ARG A 79 22.26 -8.96 -20.39
CA ARG A 79 23.39 -8.44 -21.13
C ARG A 79 24.05 -9.51 -21.99
N ASN A 80 24.16 -10.74 -21.48
CA ASN A 80 24.71 -11.84 -22.29
C ASN A 80 23.85 -12.11 -23.51
N LEU A 81 22.54 -12.24 -23.29
CA LEU A 81 21.61 -12.52 -24.38
C LEU A 81 21.65 -11.44 -25.44
N ARG A 82 21.79 -10.18 -25.02
CA ARG A 82 21.90 -9.08 -25.99
C ARG A 82 23.11 -9.27 -26.89
N GLY A 83 24.22 -9.75 -26.31
CA GLY A 83 25.39 -10.11 -27.11
C GLY A 83 25.15 -11.30 -28.04
N TYR A 84 24.54 -12.37 -27.52
CA TYR A 84 24.30 -13.56 -28.36
C TYR A 84 23.48 -13.22 -29.59
N TYR A 85 22.50 -12.33 -29.47
CA TYR A 85 21.62 -12.03 -30.60
C TYR A 85 22.06 -10.78 -31.37
N ASN A 86 23.22 -10.22 -31.01
CA ASN A 86 23.76 -9.00 -31.60
C ASN A 86 22.72 -7.88 -31.61
N GLN A 87 22.08 -7.69 -30.47
CA GLN A 87 20.98 -6.74 -30.40
C GLN A 87 21.47 -5.37 -29.96
N SER A 88 20.69 -4.36 -30.35
CA SER A 88 21.04 -2.99 -30.02
C SER A 88 20.94 -2.73 -28.53
N GLU A 89 21.91 -1.97 -28.01
CA GLU A 89 21.87 -1.49 -26.65
C GLU A 89 20.70 -0.55 -26.38
N ALA A 90 19.95 -0.17 -27.42
CA ALA A 90 18.95 0.88 -27.26
C ALA A 90 17.64 0.40 -26.65
N GLY A 91 17.25 -0.85 -26.93
CA GLY A 91 15.88 -1.28 -26.73
C GLY A 91 15.69 -2.14 -25.48
N SER A 92 14.42 -2.34 -25.16
CA SER A 92 14.05 -3.12 -23.98
C SER A 92 13.90 -4.59 -24.38
N HIS A 93 14.35 -5.50 -23.52
CA HIS A 93 14.26 -6.93 -23.79
C HIS A 93 13.77 -7.64 -22.55
N THR A 94 13.22 -8.84 -22.74
CA THR A 94 12.53 -9.58 -21.67
C THR A 94 13.07 -10.99 -21.52
N LEU A 95 13.38 -11.37 -20.27
CA LEU A 95 13.69 -12.74 -19.91
C LEU A 95 12.62 -13.24 -18.95
N GLN A 96 11.95 -14.32 -19.31
CA GLN A 96 10.94 -14.94 -18.47
C GLN A 96 11.43 -16.31 -18.06
N SER A 97 11.09 -16.70 -16.83
CA SER A 97 11.54 -17.97 -16.28
CA SER A 97 11.55 -17.97 -16.27
C SER A 97 10.40 -18.59 -15.50
N MET A 98 10.29 -19.92 -15.58
N MET A 98 10.16 -19.87 -15.75
CA MET A 98 9.11 -20.65 -15.08
CA MET A 98 9.18 -20.63 -14.99
C MET A 98 9.55 -22.05 -14.62
C MET A 98 9.84 -21.91 -14.52
N TYR A 99 9.48 -22.33 -13.32
CA TYR A 99 9.92 -23.62 -12.80
C TYR A 99 9.00 -24.07 -11.68
N GLY A 100 8.96 -25.38 -11.47
CA GLY A 100 8.21 -25.93 -10.36
C GLY A 100 7.95 -27.39 -10.57
N CYS A 101 7.09 -27.93 -9.71
CA CYS A 101 6.88 -29.37 -9.62
C CYS A 101 5.38 -29.66 -9.65
N ASP A 102 5.02 -30.79 -10.25
CA ASP A 102 3.67 -31.35 -10.16
C ASP A 102 3.73 -32.66 -9.39
N VAL A 103 2.83 -32.83 -8.43
CA VAL A 103 2.80 -34.04 -7.63
C VAL A 103 1.46 -34.74 -7.83
N GLY A 104 1.46 -36.05 -7.61
CA GLY A 104 0.29 -36.87 -7.82
C GLY A 104 -0.57 -36.89 -6.58
N PRO A 105 -1.70 -37.60 -6.64
CA PRO A 105 -2.59 -37.65 -5.47
C PRO A 105 -1.91 -38.10 -4.20
N ASP A 106 -0.91 -38.97 -4.31
CA ASP A 106 -0.14 -39.42 -3.16
C ASP A 106 1.00 -38.46 -2.78
N GLY A 107 1.17 -37.36 -3.51
CA GLY A 107 2.27 -36.45 -3.24
C GLY A 107 3.59 -36.83 -3.86
N ARG A 108 3.59 -37.67 -4.89
CA ARG A 108 4.82 -38.06 -5.56
C ARG A 108 5.02 -37.23 -6.82
N LEU A 109 6.27 -36.80 -7.04
CA LEU A 109 6.57 -35.96 -8.19
C LEU A 109 6.13 -36.67 -9.47
N LEU A 110 5.23 -36.04 -10.21
CA LEU A 110 4.89 -36.51 -11.54
C LEU A 110 5.82 -35.91 -12.58
N ARG A 111 6.12 -34.63 -12.49
CA ARG A 111 7.04 -34.00 -13.43
CA ARG A 111 6.95 -33.93 -13.48
C ARG A 111 7.53 -32.67 -12.85
N GLY A 112 8.78 -32.34 -13.21
CA GLY A 112 9.37 -31.07 -12.85
C GLY A 112 9.48 -30.19 -14.08
N HIS A 113 9.52 -28.88 -13.92
CA HIS A 113 9.68 -27.92 -15.01
C HIS A 113 10.76 -26.91 -14.67
N ASP A 114 11.45 -26.43 -15.70
CA ASP A 114 12.40 -25.34 -15.58
C ASP A 114 12.71 -24.80 -16.98
N GLN A 115 12.07 -23.69 -17.37
CA GLN A 115 12.19 -23.23 -18.77
C GLN A 115 12.26 -21.71 -18.84
N TYR A 116 12.75 -21.23 -19.97
CA TYR A 116 13.06 -19.82 -20.13
C TYR A 116 12.54 -19.38 -21.48
N ALA A 117 12.05 -18.14 -21.54
CA ALA A 117 11.75 -17.47 -22.80
C ALA A 117 12.51 -16.15 -22.87
N TYR A 118 13.03 -15.84 -24.07
CA TYR A 118 13.66 -14.55 -24.33
C TYR A 118 12.83 -13.80 -25.38
N ASP A 119 12.44 -12.55 -25.08
CA ASP A 119 11.60 -11.74 -25.97
C ASP A 119 10.37 -12.51 -26.48
N GLY A 120 9.75 -13.27 -25.57
CA GLY A 120 8.49 -13.95 -25.82
C GLY A 120 8.58 -15.24 -26.58
N LYS A 121 9.77 -15.76 -26.86
CA LYS A 121 9.93 -17.04 -27.54
C LYS A 121 10.72 -18.01 -26.67
N ASP A 122 10.37 -19.30 -26.75
CA ASP A 122 11.13 -20.36 -26.07
C ASP A 122 12.62 -20.17 -26.31
N TYR A 123 13.40 -20.29 -25.24
CA TYR A 123 14.85 -20.15 -25.32
C TYR A 123 15.57 -21.44 -24.91
N ILE A 124 15.42 -21.90 -23.67
CA ILE A 124 15.99 -23.18 -23.27
C ILE A 124 15.06 -23.79 -22.21
N ALA A 125 15.02 -25.12 -22.14
CA ALA A 125 14.16 -25.76 -21.16
C ALA A 125 14.79 -27.05 -20.67
N LEU A 126 14.60 -27.33 -19.38
CA LEU A 126 15.04 -28.60 -18.81
C LEU A 126 14.13 -29.71 -19.34
N ASN A 127 14.72 -30.75 -19.90
CA ASN A 127 13.92 -31.84 -20.41
C ASN A 127 13.22 -32.57 -19.26
N GLU A 128 12.21 -33.37 -19.62
CA GLU A 128 11.43 -34.11 -18.63
C GLU A 128 12.32 -34.99 -17.75
N ASP A 129 13.46 -35.47 -18.27
CA ASP A 129 14.35 -36.28 -17.45
C ASP A 129 15.07 -35.48 -16.38
N LEU A 130 14.97 -34.14 -16.40
CA LEU A 130 15.67 -33.27 -15.47
C LEU A 130 17.18 -33.49 -15.48
N ARG A 131 17.71 -34.05 -16.57
CA ARG A 131 19.15 -34.24 -16.70
CA ARG A 131 19.14 -34.26 -16.71
C ARG A 131 19.73 -33.65 -17.97
N SER A 132 18.89 -33.11 -18.86
CA SER A 132 19.36 -32.56 -20.12
C SER A 132 18.54 -31.33 -20.48
N TRP A 133 19.02 -30.57 -21.46
CA TRP A 133 18.38 -29.33 -21.85
C TRP A 133 18.03 -29.35 -23.32
N THR A 134 16.92 -28.73 -23.65
CA THR A 134 16.55 -28.44 -25.04
C THR A 134 16.77 -26.95 -25.30
N ALA A 135 17.60 -26.64 -26.30
CA ALA A 135 17.86 -25.26 -26.71
C ALA A 135 17.05 -24.96 -27.98
N ALA A 136 16.41 -23.79 -28.02
CA ALA A 136 15.50 -23.46 -29.12
C ALA A 136 16.22 -22.93 -30.36
N ASP A 137 17.48 -22.51 -30.25
CA ASP A 137 18.19 -21.95 -31.40
C ASP A 137 19.68 -21.96 -31.09
N THR A 138 20.47 -21.46 -32.05
CA THR A 138 21.93 -21.48 -31.88
CA THR A 138 21.93 -21.44 -31.91
C THR A 138 22.37 -20.63 -30.69
N ALA A 139 21.70 -19.49 -30.44
CA ALA A 139 22.05 -18.71 -29.26
C ALA A 139 21.83 -19.52 -27.99
N ALA A 140 20.71 -20.22 -27.90
CA ALA A 140 20.44 -20.98 -26.69
C ALA A 140 21.46 -22.08 -26.49
N GLN A 141 22.09 -22.54 -27.58
CA GLN A 141 23.14 -23.56 -27.46
C GLN A 141 24.37 -23.03 -26.76
N ILE A 142 24.62 -21.72 -26.81
CA ILE A 142 25.69 -21.16 -25.97
C ILE A 142 25.37 -21.42 -24.51
N THR A 143 24.14 -21.10 -24.09
CA THR A 143 23.75 -21.37 -22.71
C THR A 143 23.82 -22.87 -22.39
N GLN A 144 23.30 -23.70 -23.29
CA GLN A 144 23.30 -25.14 -23.07
C GLN A 144 24.70 -25.68 -22.79
N ARG A 145 25.69 -25.31 -23.62
CA ARG A 145 27.04 -25.83 -23.42
C ARG A 145 27.61 -25.36 -22.09
N LYS A 146 27.43 -24.08 -21.80
CA LYS A 146 27.84 -23.51 -20.54
C LYS A 146 27.19 -24.24 -19.37
N TRP A 147 25.88 -24.54 -19.47
CA TRP A 147 25.21 -25.16 -18.35
C TRP A 147 25.50 -26.65 -18.24
N GLU A 148 25.76 -27.32 -19.36
CA GLU A 148 26.27 -28.68 -19.29
C GLU A 148 27.58 -28.73 -18.52
N ALA A 149 28.54 -27.85 -18.86
CA ALA A 149 29.82 -27.88 -18.16
C ALA A 149 29.66 -27.55 -16.69
N ALA A 150 28.66 -26.74 -16.35
CA ALA A 150 28.50 -26.33 -14.96
C ALA A 150 27.78 -27.37 -14.11
N ARG A 151 27.24 -28.44 -14.73
CA ARG A 151 26.40 -29.44 -14.04
C ARG A 151 25.12 -28.79 -13.52
N GLU A 152 24.61 -27.82 -14.28
CA GLU A 152 23.48 -27.02 -13.85
C GLU A 152 22.22 -27.84 -13.69
N ALA A 153 22.03 -28.88 -14.51
CA ALA A 153 20.78 -29.64 -14.41
C ALA A 153 20.72 -30.46 -13.12
N GLU A 154 21.87 -30.88 -12.59
CA GLU A 154 21.83 -31.67 -11.36
C GLU A 154 21.37 -30.83 -10.17
N GLN A 155 21.81 -29.56 -10.12
CA GLN A 155 21.38 -28.67 -9.06
CA GLN A 155 21.38 -28.67 -9.06
C GLN A 155 19.87 -28.45 -9.09
N ARG A 156 19.29 -28.31 -10.29
CA ARG A 156 17.87 -28.06 -10.38
C ARG A 156 17.05 -29.32 -10.15
N ARG A 157 17.50 -30.46 -10.67
CA ARG A 157 16.84 -31.74 -10.38
C ARG A 157 16.72 -31.96 -8.88
N ALA A 158 17.78 -31.63 -8.13
CA ALA A 158 17.76 -31.87 -6.70
C ALA A 158 16.69 -31.02 -6.03
N TYR A 159 16.55 -29.76 -6.46
CA TYR A 159 15.48 -28.92 -5.92
C TYR A 159 14.11 -29.44 -6.37
N LEU A 160 13.98 -29.81 -7.63
CA LEU A 160 12.68 -30.24 -8.15
C LEU A 160 12.19 -31.54 -7.49
N GLU A 161 13.10 -32.46 -7.20
CA GLU A 161 12.74 -33.72 -6.59
C GLU A 161 12.71 -33.67 -5.06
N GLY A 162 13.39 -32.70 -4.45
CA GLY A 162 13.47 -32.62 -3.01
C GLY A 162 12.68 -31.47 -2.43
N GLU A 163 13.31 -30.30 -2.27
CA GLU A 163 12.64 -29.20 -1.56
C GLU A 163 11.34 -28.76 -2.22
N CYS A 164 11.26 -28.84 -3.55
CA CYS A 164 10.06 -28.32 -4.22
C CYS A 164 8.82 -29.06 -3.74
N VAL A 165 8.83 -30.39 -3.87
CA VAL A 165 7.76 -31.25 -3.37
C VAL A 165 7.54 -31.02 -1.88
N GLU A 166 8.62 -30.86 -1.11
CA GLU A 166 8.49 -30.73 0.34
C GLU A 166 7.79 -29.43 0.72
N TRP A 167 8.14 -28.30 0.07
CA TRP A 167 7.41 -27.07 0.35
C TRP A 167 5.98 -27.17 -0.16
N LEU A 168 5.78 -27.78 -1.33
CA LEU A 168 4.43 -27.95 -1.87
C LEU A 168 3.53 -28.68 -0.87
N ARG A 169 4.02 -29.81 -0.34
CA ARG A 169 3.22 -30.55 0.62
CA ARG A 169 3.25 -30.57 0.65
C ARG A 169 2.89 -29.71 1.85
N ARG A 170 3.83 -28.87 2.29
CA ARG A 170 3.59 -28.02 3.46
C ARG A 170 2.57 -26.94 3.15
N TYR A 171 2.63 -26.34 1.96
CA TYR A 171 1.62 -25.36 1.61
C TYR A 171 0.24 -26.02 1.54
N LEU A 172 0.17 -27.22 0.96
CA LEU A 172 -1.09 -27.92 0.84
C LEU A 172 -1.69 -28.26 2.20
N GLU A 173 -0.85 -28.56 3.19
CA GLU A 173 -1.37 -28.76 4.55
C GLU A 173 -1.76 -27.45 5.22
N ASN A 174 -0.97 -26.39 5.00
CA ASN A 174 -1.25 -25.11 5.63
C ASN A 174 -2.52 -24.45 5.06
N GLY A 175 -2.80 -24.65 3.77
CA GLY A 175 -3.95 -24.00 3.18
C GLY A 175 -5.00 -25.00 2.77
N LYS A 176 -5.07 -26.12 3.49
CA LYS A 176 -5.85 -27.26 3.04
C LYS A 176 -7.28 -26.85 2.67
N ASP A 177 -8.01 -26.21 3.58
CA ASP A 177 -9.44 -26.04 3.31
C ASP A 177 -9.69 -25.35 1.96
N LYS A 178 -8.90 -24.31 1.62
CA LYS A 178 -9.20 -23.51 0.43
C LYS A 178 -8.35 -23.89 -0.78
N LEU A 179 -7.02 -23.71 -0.69
CA LEU A 179 -6.11 -24.37 -1.63
C LEU A 179 -6.63 -25.69 -2.07
N GLU A 180 -7.12 -26.45 -1.12
CA GLU A 180 -7.72 -27.63 -1.64
C GLU A 180 -9.09 -27.33 -2.26
N ARG A 181 -10.14 -27.01 -1.47
CA ARG A 181 -11.54 -26.72 -1.97
C ARG A 181 -11.82 -26.76 -3.48
N ALA A 182 -12.97 -27.32 -3.85
CA ALA A 182 -13.43 -27.43 -5.23
C ALA A 182 -14.84 -26.87 -5.36
N ASP A 183 -14.95 -25.68 -5.97
CA ASP A 183 -16.20 -24.92 -6.01
C ASP A 183 -16.81 -24.97 -7.39
N PRO A 184 -18.04 -25.47 -7.52
CA PRO A 184 -18.63 -25.66 -8.83
C PRO A 184 -19.01 -24.31 -9.43
N PRO A 185 -19.14 -24.22 -10.74
CA PRO A 185 -19.58 -22.96 -11.34
C PRO A 185 -21.09 -22.84 -11.26
N LYS A 186 -21.57 -21.62 -11.07
CA LYS A 186 -22.96 -21.33 -11.40
C LYS A 186 -23.02 -20.93 -12.86
N THR A 187 -24.07 -21.42 -13.54
CA THR A 187 -24.11 -21.45 -14.99
C THR A 187 -25.42 -20.82 -15.45
N HIS A 188 -25.41 -20.32 -16.69
CA HIS A 188 -26.64 -19.85 -17.32
C HIS A 188 -26.34 -19.51 -18.77
N VAL A 189 -27.39 -19.47 -19.57
CA VAL A 189 -27.27 -19.17 -21.00
C VAL A 189 -27.94 -17.81 -21.23
N THR A 190 -27.23 -16.92 -21.93
CA THR A 190 -27.82 -15.68 -22.38
C THR A 190 -28.02 -15.70 -23.90
N HIS A 191 -28.88 -14.81 -24.35
CA HIS A 191 -29.28 -14.74 -25.74
C HIS A 191 -29.28 -13.27 -26.14
N HIS A 192 -28.60 -12.95 -27.24
CA HIS A 192 -28.58 -11.56 -27.67
C HIS A 192 -28.73 -11.43 -29.18
N PRO A 193 -29.82 -10.85 -29.67
CA PRO A 193 -29.97 -10.67 -31.12
C PRO A 193 -28.80 -9.86 -31.68
N ILE A 194 -28.23 -10.37 -32.77
CA ILE A 194 -27.27 -9.62 -33.58
C ILE A 194 -27.96 -8.87 -34.70
N SER A 195 -28.99 -9.47 -35.29
CA SER A 195 -29.72 -8.92 -36.42
C SER A 195 -31.09 -9.59 -36.45
N ASP A 196 -31.85 -9.34 -37.52
CA ASP A 196 -33.12 -10.03 -37.70
C ASP A 196 -32.95 -11.54 -37.87
N HIS A 197 -31.77 -12.00 -38.34
CA HIS A 197 -31.58 -13.39 -38.70
C HIS A 197 -30.64 -14.16 -37.80
N GLU A 198 -29.73 -13.48 -37.09
CA GLU A 198 -28.74 -14.16 -36.26
C GLU A 198 -28.84 -13.71 -34.81
N ALA A 199 -28.43 -14.60 -33.91
CA ALA A 199 -28.36 -14.30 -32.49
C ALA A 199 -27.12 -14.97 -31.92
N THR A 200 -26.65 -14.42 -30.80
CA THR A 200 -25.56 -15.04 -30.05
C THR A 200 -26.15 -15.75 -28.85
N LEU A 201 -25.75 -17.01 -28.65
CA LEU A 201 -25.98 -17.71 -27.39
C LEU A 201 -24.66 -17.76 -26.64
N ARG A 202 -24.70 -17.42 -25.37
CA ARG A 202 -23.51 -17.36 -24.52
C ARG A 202 -23.78 -18.24 -23.32
N CYS A 203 -22.92 -19.22 -23.11
CA CYS A 203 -22.95 -20.09 -21.96
C CYS A 203 -21.96 -19.59 -20.92
N TRP A 204 -22.43 -19.36 -19.71
CA TRP A 204 -21.61 -18.78 -18.65
C TRP A 204 -21.33 -19.81 -17.58
N ALA A 205 -20.10 -19.80 -17.08
CA ALA A 205 -19.74 -20.50 -15.84
C ALA A 205 -19.03 -19.51 -14.94
N LEU A 206 -19.54 -19.33 -13.73
CA LEU A 206 -19.09 -18.25 -12.88
C LEU A 206 -18.71 -18.77 -11.51
N GLY A 207 -17.67 -18.17 -10.92
CA GLY A 207 -17.34 -18.45 -9.54
C GLY A 207 -16.82 -19.84 -9.26
N PHE A 208 -16.08 -20.43 -10.19
CA PHE A 208 -15.59 -21.78 -9.98
C PHE A 208 -14.11 -21.79 -9.57
N TYR A 209 -13.69 -22.91 -8.94
CA TYR A 209 -12.30 -23.20 -8.57
C TYR A 209 -12.12 -24.71 -8.48
N PRO A 210 -11.03 -25.29 -9.02
CA PRO A 210 -9.93 -24.64 -9.75
C PRO A 210 -10.30 -24.15 -11.14
N ALA A 211 -9.31 -23.59 -11.84
CA ALA A 211 -9.58 -22.91 -13.10
C ALA A 211 -9.89 -23.87 -14.25
N GLU A 212 -9.59 -25.16 -14.09
CA GLU A 212 -9.78 -26.13 -15.17
C GLU A 212 -11.27 -26.36 -15.39
N ILE A 213 -11.74 -26.16 -16.62
CA ILE A 213 -13.15 -26.34 -16.94
C ILE A 213 -13.26 -26.63 -18.42
N THR A 214 -14.33 -27.32 -18.80
CA THR A 214 -14.66 -27.54 -20.21
C THR A 214 -16.04 -26.96 -20.47
N LEU A 215 -16.14 -26.15 -21.52
CA LEU A 215 -17.35 -25.42 -21.88
C LEU A 215 -17.48 -25.56 -23.39
N THR A 216 -18.50 -26.29 -23.85
CA THR A 216 -18.62 -26.57 -25.28
C THR A 216 -20.07 -26.45 -25.72
N TRP A 217 -20.25 -25.97 -26.95
CA TRP A 217 -21.55 -25.90 -27.59
C TRP A 217 -21.71 -27.08 -28.54
N GLN A 218 -22.84 -27.79 -28.42
CA GLN A 218 -23.20 -28.87 -29.33
C GLN A 218 -24.45 -28.49 -30.12
N ARG A 219 -24.37 -28.57 -31.45
CA ARG A 219 -25.55 -28.44 -32.30
C ARG A 219 -25.98 -29.82 -32.77
N ASP A 220 -27.22 -30.19 -32.45
CA ASP A 220 -27.77 -31.50 -32.79
C ASP A 220 -26.91 -32.62 -32.23
N GLY A 221 -26.20 -32.34 -31.12
CA GLY A 221 -25.37 -33.32 -30.46
C GLY A 221 -23.93 -33.38 -30.94
N GLU A 222 -23.56 -32.65 -31.99
CA GLU A 222 -22.16 -32.58 -32.42
C GLU A 222 -21.60 -31.19 -32.14
N ASP A 223 -20.36 -31.16 -31.66
CA ASP A 223 -19.78 -29.94 -31.12
C ASP A 223 -19.27 -29.02 -32.21
N GLN A 224 -19.21 -27.73 -31.89
CA GLN A 224 -19.10 -26.65 -32.87
C GLN A 224 -17.76 -25.93 -32.83
N THR A 225 -16.65 -26.68 -32.86
CA THR A 225 -15.36 -26.04 -33.05
C THR A 225 -15.32 -25.50 -34.48
N GLN A 226 -14.71 -24.32 -34.64
CA GLN A 226 -14.63 -23.46 -35.83
C GLN A 226 -15.58 -22.29 -35.72
N ASP A 227 -16.65 -22.40 -34.94
CA ASP A 227 -17.69 -21.39 -34.86
C ASP A 227 -17.99 -20.93 -33.44
N THR A 228 -17.38 -21.56 -32.44
CA THR A 228 -17.53 -21.14 -31.06
C THR A 228 -16.41 -20.19 -30.68
N GLU A 229 -16.78 -19.01 -30.17
CA GLU A 229 -15.81 -18.10 -29.60
C GLU A 229 -15.68 -18.40 -28.11
N LEU A 230 -14.45 -18.55 -27.65
CA LEU A 230 -14.17 -19.04 -26.30
C LEU A 230 -13.14 -18.10 -25.68
N VAL A 231 -13.58 -17.25 -24.76
CA VAL A 231 -12.65 -16.31 -24.14
C VAL A 231 -11.80 -17.05 -23.12
N GLU A 232 -10.61 -16.51 -22.88
CA GLU A 232 -9.75 -17.02 -21.84
C GLU A 232 -10.52 -17.06 -20.53
N THR A 233 -10.31 -18.12 -19.76
CA THR A 233 -10.81 -18.12 -18.41
C THR A 233 -10.28 -16.88 -17.71
N ARG A 234 -11.18 -16.15 -17.05
CA ARG A 234 -10.79 -14.90 -16.45
C ARG A 234 -10.99 -14.93 -14.94
N PRO A 235 -10.18 -14.18 -14.20
CA PRO A 235 -10.33 -14.18 -12.75
C PRO A 235 -11.52 -13.33 -12.34
N ALA A 236 -12.23 -13.79 -11.33
CA ALA A 236 -13.32 -12.95 -10.82
C ALA A 236 -12.76 -11.82 -9.96
N GLY A 237 -11.57 -12.01 -9.40
CA GLY A 237 -10.96 -11.06 -8.50
C GLY A 237 -11.01 -11.48 -7.07
N ASP A 238 -11.70 -12.57 -6.77
CA ASP A 238 -11.87 -13.11 -5.42
C ASP A 238 -11.31 -14.53 -5.30
N ARG A 239 -10.34 -14.87 -6.15
CA ARG A 239 -9.67 -16.17 -6.21
CA ARG A 239 -9.66 -16.16 -6.23
C ARG A 239 -10.52 -17.25 -6.89
N THR A 240 -11.68 -16.89 -7.45
CA THR A 240 -12.40 -17.81 -8.32
C THR A 240 -12.37 -17.30 -9.75
N PHE A 241 -12.88 -18.12 -10.67
CA PHE A 241 -12.70 -17.91 -12.10
C PHE A 241 -14.04 -17.87 -12.82
N GLN A 242 -14.00 -17.34 -14.02
CA GLN A 242 -15.19 -17.25 -14.88
C GLN A 242 -14.77 -17.66 -16.27
N LYS A 243 -15.74 -18.16 -17.03
CA LYS A 243 -15.49 -18.46 -18.42
C LYS A 243 -16.83 -18.43 -19.15
N TRP A 244 -16.81 -17.98 -20.40
CA TRP A 244 -18.00 -18.14 -21.21
C TRP A 244 -17.60 -18.60 -22.61
N ALA A 245 -18.56 -19.23 -23.26
CA ALA A 245 -18.44 -19.69 -24.63
C ALA A 245 -19.63 -19.15 -25.42
N ALA A 246 -19.37 -18.65 -26.62
CA ALA A 246 -20.40 -18.03 -27.43
C ALA A 246 -20.49 -18.68 -28.80
N VAL A 247 -21.70 -18.77 -29.33
CA VAL A 247 -21.95 -19.26 -30.68
C VAL A 247 -23.00 -18.38 -31.34
N VAL A 248 -22.75 -18.02 -32.60
CA VAL A 248 -23.70 -17.26 -33.41
C VAL A 248 -24.59 -18.25 -34.13
N VAL A 249 -25.89 -18.16 -33.90
CA VAL A 249 -26.84 -19.14 -34.43
C VAL A 249 -27.90 -18.43 -35.27
N PRO A 250 -28.53 -19.11 -36.23
CA PRO A 250 -29.66 -18.52 -36.94
C PRO A 250 -30.84 -18.39 -35.99
N SER A 251 -31.41 -17.19 -35.92
CA SER A 251 -32.56 -17.00 -35.05
C SER A 251 -33.68 -17.94 -35.48
N GLY A 252 -34.31 -18.57 -34.50
CA GLY A 252 -35.23 -19.64 -34.73
C GLY A 252 -34.67 -21.02 -34.47
N GLU A 253 -33.35 -21.17 -34.45
CA GLU A 253 -32.73 -22.46 -34.23
C GLU A 253 -31.98 -22.53 -32.91
N GLU A 254 -32.18 -21.56 -32.00
CA GLU A 254 -31.48 -21.55 -30.72
C GLU A 254 -31.52 -22.90 -30.03
N GLN A 255 -32.69 -23.51 -29.97
CA GLN A 255 -32.90 -24.71 -29.16
C GLN A 255 -32.22 -25.97 -29.73
N ARG A 256 -31.60 -25.90 -30.91
CA ARG A 256 -30.75 -26.98 -31.39
C ARG A 256 -29.38 -27.00 -30.72
N TYR A 257 -29.12 -26.09 -29.79
CA TYR A 257 -27.81 -25.95 -29.19
C TYR A 257 -27.89 -26.23 -27.70
N THR A 258 -26.91 -26.98 -27.21
CA THR A 258 -26.77 -27.25 -25.78
C THR A 258 -25.34 -26.91 -25.39
N CYS A 259 -25.18 -26.39 -24.19
CA CYS A 259 -23.86 -26.09 -23.65
C CYS A 259 -23.50 -27.16 -22.63
N HIS A 260 -22.34 -27.79 -22.84
CA HIS A 260 -21.88 -28.86 -21.96
C HIS A 260 -20.76 -28.35 -21.06
N VAL A 261 -20.93 -28.56 -19.77
CA VAL A 261 -20.07 -27.99 -18.74
C VAL A 261 -19.57 -29.13 -17.86
N GLN A 262 -18.25 -29.30 -17.78
CA GLN A 262 -17.69 -30.25 -16.84
C GLN A 262 -16.65 -29.57 -15.98
N HIS A 263 -16.83 -29.69 -14.66
CA HIS A 263 -15.93 -29.14 -13.66
C HIS A 263 -15.85 -30.10 -12.49
N GLU A 264 -14.67 -30.13 -11.86
CA GLU A 264 -14.39 -31.02 -10.73
C GLU A 264 -15.45 -30.94 -9.64
N GLY A 265 -15.98 -29.75 -9.39
CA GLY A 265 -16.96 -29.56 -8.35
C GLY A 265 -18.39 -29.91 -8.70
N LEU A 266 -18.66 -30.31 -9.94
CA LEU A 266 -20.03 -30.60 -10.38
C LEU A 266 -20.35 -32.08 -10.15
N PRO A 267 -21.35 -32.40 -9.33
CA PRO A 267 -21.73 -33.81 -9.12
C PRO A 267 -21.89 -34.61 -10.41
N LYS A 268 -22.43 -34.00 -11.45
CA LYS A 268 -22.58 -34.63 -12.76
C LYS A 268 -22.41 -33.56 -13.84
N PRO A 269 -21.91 -33.94 -15.02
CA PRO A 269 -21.78 -32.97 -16.11
C PRO A 269 -23.12 -32.32 -16.42
N LEU A 270 -23.07 -31.05 -16.85
CA LEU A 270 -24.27 -30.27 -17.04
C LEU A 270 -24.55 -30.03 -18.51
N THR A 271 -25.81 -30.18 -18.89
CA THR A 271 -26.31 -29.88 -20.22
CA THR A 271 -26.30 -29.85 -20.22
C THR A 271 -27.28 -28.72 -20.07
N LEU A 272 -26.93 -27.55 -20.61
CA LEU A 272 -27.76 -26.37 -20.45
C LEU A 272 -28.21 -25.85 -21.80
N ARG A 273 -29.39 -25.24 -21.79
CA ARG A 273 -30.06 -24.79 -23.00
C ARG A 273 -30.62 -23.38 -22.77
N TRP A 274 -30.84 -22.67 -23.87
CA TRP A 274 -31.51 -21.37 -23.79
C TRP A 274 -32.95 -21.56 -23.34
N GLU A 275 -33.40 -20.72 -22.42
CA GLU A 275 -34.76 -20.78 -21.87
C GLU A 275 -35.41 -19.41 -21.99
N PRO A 276 -36.33 -19.22 -22.96
CA PRO A 276 -37.07 -17.97 -23.05
C PRO A 276 -38.24 -17.90 -22.07
N MET B 1 12.61 -11.40 -31.52
CA MET B 1 11.56 -10.90 -30.63
C MET B 1 10.17 -11.05 -31.25
N ILE B 2 9.16 -11.33 -30.42
CA ILE B 2 7.78 -11.33 -30.88
C ILE B 2 7.00 -10.30 -30.09
N GLN B 3 5.83 -9.94 -30.59
CA GLN B 3 4.93 -9.04 -29.88
C GLN B 3 3.53 -9.57 -30.03
N ARG B 4 2.71 -9.46 -28.99
CA ARG B 4 1.33 -9.90 -29.02
CA ARG B 4 1.32 -9.88 -29.07
C ARG B 4 0.44 -8.78 -28.52
N THR B 5 -0.64 -8.49 -29.22
CA THR B 5 -1.49 -7.41 -28.79
C THR B 5 -2.44 -7.91 -27.71
N PRO B 6 -2.81 -7.07 -26.75
CA PRO B 6 -3.62 -7.56 -25.62
C PRO B 6 -5.06 -7.87 -26.03
N LYS B 7 -5.58 -8.96 -25.47
CA LYS B 7 -7.01 -9.22 -25.44
C LYS B 7 -7.57 -8.54 -24.19
N ILE B 8 -8.73 -7.90 -24.32
CA ILE B 8 -9.24 -7.00 -23.29
C ILE B 8 -10.65 -7.46 -22.94
N GLN B 9 -10.89 -7.76 -21.67
CA GLN B 9 -12.22 -8.13 -21.20
C GLN B 9 -12.62 -7.22 -20.06
N VAL B 10 -13.82 -6.66 -20.15
CA VAL B 10 -14.35 -5.71 -19.16
C VAL B 10 -15.64 -6.31 -18.60
N TYR B 11 -15.71 -6.50 -17.30
CA TYR B 11 -16.81 -7.28 -16.73
C TYR B 11 -16.93 -7.00 -15.25
N SER B 12 -18.04 -7.43 -14.65
CA SER B 12 -18.15 -7.33 -13.19
C SER B 12 -17.86 -8.65 -12.52
N ARG B 13 -17.50 -8.56 -11.23
CA ARG B 13 -17.14 -9.72 -10.43
C ARG B 13 -18.34 -10.62 -10.18
N HIS B 14 -19.52 -10.04 -10.04
CA HIS B 14 -20.81 -10.72 -9.98
C HIS B 14 -21.73 -10.06 -10.99
N PRO B 15 -22.78 -10.75 -11.43
CA PRO B 15 -23.69 -10.14 -12.39
C PRO B 15 -24.26 -8.84 -11.85
N ALA B 16 -24.46 -7.88 -12.74
CA ALA B 16 -24.72 -6.50 -12.33
C ALA B 16 -26.19 -6.33 -11.95
N GLU B 17 -26.42 -5.67 -10.82
CA GLU B 17 -27.74 -5.25 -10.40
C GLU B 17 -27.65 -3.78 -9.99
N ASN B 18 -28.38 -2.91 -10.67
CA ASN B 18 -28.28 -1.49 -10.43
C ASN B 18 -28.51 -1.18 -8.96
N GLY B 19 -27.60 -0.40 -8.37
CA GLY B 19 -27.69 -0.02 -6.97
C GLY B 19 -27.01 -0.96 -6.00
N LYS B 20 -26.50 -2.09 -6.46
CA LYS B 20 -25.88 -3.09 -5.58
C LYS B 20 -24.38 -3.07 -5.80
N SER B 21 -23.63 -3.00 -4.71
CA SER B 21 -22.18 -2.87 -4.82
C SER B 21 -21.58 -4.10 -5.49
N ASN B 22 -20.49 -3.87 -6.21
CA ASN B 22 -19.90 -4.87 -7.10
C ASN B 22 -18.43 -4.49 -7.30
N PHE B 23 -17.77 -5.19 -8.21
CA PHE B 23 -16.43 -4.83 -8.65
C PHE B 23 -16.41 -4.76 -10.16
N LEU B 24 -15.74 -3.76 -10.71
CA LEU B 24 -15.57 -3.61 -12.15
C LEU B 24 -14.17 -4.10 -12.49
N ASN B 25 -14.09 -5.05 -13.39
CA ASN B 25 -12.83 -5.70 -13.75
C ASN B 25 -12.45 -5.35 -15.18
N CYS B 26 -11.16 -5.09 -15.39
CA CYS B 26 -10.60 -5.06 -16.73
C CYS B 26 -9.46 -6.07 -16.78
N TYR B 27 -9.65 -7.15 -17.52
CA TYR B 27 -8.66 -8.20 -17.61
C TYR B 27 -7.96 -8.12 -18.95
N VAL B 28 -6.65 -7.95 -18.93
CA VAL B 28 -5.86 -7.90 -20.16
C VAL B 28 -4.95 -9.12 -20.18
N SER B 29 -4.89 -9.79 -21.32
CA SER B 29 -4.13 -11.03 -21.36
C SER B 29 -3.59 -11.28 -22.76
N GLY B 30 -2.68 -12.25 -22.83
CA GLY B 30 -2.11 -12.65 -24.10
C GLY B 30 -1.22 -11.62 -24.77
N PHE B 31 -0.68 -10.65 -24.03
CA PHE B 31 0.11 -9.59 -24.64
C PHE B 31 1.58 -9.79 -24.33
N HIS B 32 2.45 -9.16 -25.16
CA HIS B 32 3.90 -9.21 -25.06
C HIS B 32 4.45 -8.03 -25.88
N PRO B 33 5.34 -7.20 -25.31
CA PRO B 33 5.98 -7.31 -23.99
C PRO B 33 5.07 -6.86 -22.88
N SER B 34 5.61 -6.77 -21.67
CA SER B 34 4.78 -6.67 -20.45
C SER B 34 4.36 -5.23 -20.13
N ASP B 35 5.10 -4.24 -20.59
CA ASP B 35 4.71 -2.86 -20.31
C ASP B 35 3.34 -2.56 -20.94
N ILE B 36 2.39 -2.11 -20.12
CA ILE B 36 1.04 -1.84 -20.61
C ILE B 36 0.43 -0.76 -19.72
N GLU B 37 -0.52 -0.01 -20.27
CA GLU B 37 -1.25 1.01 -19.51
C GLU B 37 -2.72 0.64 -19.54
N VAL B 38 -3.34 0.57 -18.36
CA VAL B 38 -4.76 0.24 -18.27
C VAL B 38 -5.41 1.25 -17.34
N ASP B 39 -6.43 1.94 -17.82
CA ASP B 39 -7.25 2.77 -16.96
C ASP B 39 -8.69 2.28 -17.03
N LEU B 40 -9.37 2.30 -15.90
CA LEU B 40 -10.83 2.19 -15.87
C LEU B 40 -11.46 3.58 -15.90
N LEU B 41 -12.50 3.74 -16.72
CA LEU B 41 -13.13 5.04 -16.98
C LEU B 41 -14.58 4.97 -16.51
N LYS B 42 -15.03 6.02 -15.83
CA LYS B 42 -16.44 6.23 -15.55
C LYS B 42 -16.90 7.50 -16.24
N ASN B 43 -17.89 7.38 -17.12
CA ASN B 43 -18.38 8.49 -17.93
C ASN B 43 -17.22 9.28 -18.52
N GLY B 44 -16.25 8.55 -19.07
CA GLY B 44 -15.12 9.14 -19.74
C GLY B 44 -13.95 9.59 -18.88
N GLU B 45 -14.05 9.48 -17.56
CA GLU B 45 -13.04 10.04 -16.65
C GLU B 45 -12.32 8.92 -15.92
N ARG B 46 -11.01 9.06 -15.77
CA ARG B 46 -10.20 8.01 -15.17
C ARG B 46 -10.56 7.80 -13.70
N ILE B 47 -10.80 6.56 -13.32
CA ILE B 47 -11.03 6.19 -11.94
C ILE B 47 -9.68 5.98 -11.26
N GLU B 48 -9.39 6.78 -10.23
CA GLU B 48 -8.09 6.69 -9.58
C GLU B 48 -8.02 5.65 -8.47
N LYS B 49 -9.16 5.19 -7.95
CA LYS B 49 -9.21 4.08 -6.99
C LYS B 49 -9.24 2.73 -7.69
N VAL B 50 -8.14 2.41 -8.36
CA VAL B 50 -8.05 1.19 -9.17
C VAL B 50 -6.82 0.39 -8.73
N GLU B 51 -7.03 -0.88 -8.45
CA GLU B 51 -6.02 -1.84 -8.05
C GLU B 51 -5.66 -2.73 -9.23
N HIS B 52 -4.47 -3.33 -9.21
CA HIS B 52 -4.20 -4.34 -10.23
C HIS B 52 -3.47 -5.52 -9.60
N SER B 53 -3.63 -6.69 -10.22
CA SER B 53 -2.93 -7.89 -9.78
C SER B 53 -1.45 -7.79 -10.16
N ASP B 54 -0.66 -8.68 -9.58
CA ASP B 54 0.76 -8.73 -9.90
C ASP B 54 0.97 -9.42 -11.25
N LEU B 55 1.88 -8.85 -12.04
CA LEU B 55 2.17 -9.37 -13.38
C LEU B 55 2.55 -10.85 -13.34
N SER B 56 1.89 -11.64 -14.17
CA SER B 56 2.22 -13.04 -14.35
C SER B 56 2.01 -13.38 -15.82
N PHE B 57 2.21 -14.65 -16.17
CA PHE B 57 2.10 -15.04 -17.56
C PHE B 57 1.67 -16.48 -17.67
N SER B 58 1.16 -16.83 -18.84
CA SER B 58 0.62 -18.16 -19.08
CA SER B 58 0.62 -18.16 -19.09
C SER B 58 1.69 -19.04 -19.70
N LYS B 59 1.33 -20.29 -20.00
CA LYS B 59 2.30 -21.28 -20.44
C LYS B 59 2.89 -20.93 -21.80
N ASP B 60 2.19 -20.16 -22.62
CA ASP B 60 2.77 -19.66 -23.87
C ASP B 60 3.58 -18.39 -23.68
N TRP B 61 3.87 -17.98 -22.45
CA TRP B 61 4.71 -16.83 -22.09
C TRP B 61 3.99 -15.48 -22.21
N SER B 62 2.73 -15.44 -22.62
CA SER B 62 2.07 -14.15 -22.77
C SER B 62 1.54 -13.67 -21.42
N PHE B 63 1.58 -12.35 -21.23
CA PHE B 63 1.30 -11.79 -19.91
C PHE B 63 -0.19 -11.59 -19.68
N TYR B 64 -0.57 -11.51 -18.39
CA TYR B 64 -1.94 -11.13 -18.06
C TYR B 64 -1.94 -10.26 -16.80
N LEU B 65 -2.96 -9.41 -16.71
CA LEU B 65 -3.15 -8.50 -15.60
C LEU B 65 -4.64 -8.26 -15.40
N LEU B 66 -5.07 -8.17 -14.14
CA LEU B 66 -6.44 -7.80 -13.77
C LEU B 66 -6.39 -6.44 -13.11
N TYR B 67 -7.17 -5.49 -13.63
CA TYR B 67 -7.35 -4.20 -13.00
C TYR B 67 -8.77 -4.15 -12.46
N TYR B 68 -8.96 -3.58 -11.27
CA TYR B 68 -10.29 -3.68 -10.69
C TYR B 68 -10.55 -2.51 -9.75
N THR B 69 -11.83 -2.23 -9.56
CA THR B 69 -12.26 -1.20 -8.63
C THR B 69 -13.64 -1.55 -8.12
N GLU B 70 -13.90 -1.20 -6.87
CA GLU B 70 -15.24 -1.33 -6.32
C GLU B 70 -16.16 -0.29 -6.93
N PHE B 71 -17.40 -0.68 -7.19
CA PHE B 71 -18.36 0.28 -7.73
C PHE B 71 -19.78 -0.21 -7.45
N THR B 72 -20.71 0.71 -7.65
CA THR B 72 -22.14 0.42 -7.63
C THR B 72 -22.72 0.84 -8.96
N PRO B 73 -23.03 -0.09 -9.84
CA PRO B 73 -23.51 0.28 -11.17
C PRO B 73 -24.91 0.86 -11.09
N THR B 74 -25.23 1.67 -12.11
CA THR B 74 -26.55 2.26 -12.28
C THR B 74 -26.92 2.19 -13.76
N GLU B 75 -28.16 2.56 -14.06
CA GLU B 75 -28.59 2.52 -15.46
C GLU B 75 -27.86 3.55 -16.33
N LYS B 76 -27.57 4.71 -15.76
N LYS B 76 -27.56 4.72 -15.77
CA LYS B 76 -27.10 5.84 -16.57
CA LYS B 76 -27.10 5.83 -16.60
C LYS B 76 -25.58 5.94 -16.65
C LYS B 76 -25.59 6.00 -16.63
N ASP B 77 -24.87 5.52 -15.62
CA ASP B 77 -23.41 5.62 -15.64
C ASP B 77 -22.82 4.65 -16.66
N GLU B 78 -21.87 5.13 -17.45
CA GLU B 78 -21.17 4.30 -18.43
C GLU B 78 -19.75 4.04 -17.96
N TYR B 79 -19.25 2.84 -18.23
CA TYR B 79 -17.91 2.47 -17.80
C TYR B 79 -17.16 1.88 -18.97
N ALA B 80 -15.82 1.97 -18.90
CA ALA B 80 -15.02 1.42 -19.98
C ALA B 80 -13.62 1.17 -19.45
N CYS B 81 -12.88 0.36 -20.20
CA CYS B 81 -11.48 0.12 -19.93
C CYS B 81 -10.64 0.65 -21.08
N ARG B 82 -9.60 1.43 -20.79
CA ARG B 82 -8.73 2.05 -21.79
C ARG B 82 -7.34 1.43 -21.69
N VAL B 83 -6.88 0.81 -22.77
CA VAL B 83 -5.62 0.05 -22.77
C VAL B 83 -4.67 0.67 -23.77
N ASN B 84 -3.44 0.91 -23.35
CA ASN B 84 -2.36 1.32 -24.26
C ASN B 84 -1.26 0.27 -24.20
N HIS B 85 -0.70 -0.04 -25.36
CA HIS B 85 0.35 -1.04 -25.48
C HIS B 85 1.14 -0.70 -26.73
N VAL B 86 2.42 -1.09 -26.73
CA VAL B 86 3.26 -0.77 -27.89
C VAL B 86 2.69 -1.33 -29.18
N THR B 87 1.86 -2.39 -29.13
CA THR B 87 1.31 -2.96 -30.34
C THR B 87 0.14 -2.16 -30.92
N LEU B 88 -0.28 -1.08 -30.28
CA LEU B 88 -1.40 -0.28 -30.73
C LEU B 88 -0.95 1.13 -31.09
N SER B 89 -1.67 1.75 -32.03
CA SER B 89 -1.34 3.10 -32.51
C SER B 89 -2.01 4.20 -31.71
N GLN B 90 -3.10 3.88 -31.04
CA GLN B 90 -3.72 4.75 -30.05
C GLN B 90 -4.35 3.86 -29.00
N PRO B 91 -4.66 4.39 -27.82
CA PRO B 91 -5.29 3.54 -26.80
C PRO B 91 -6.58 2.93 -27.32
N LYS B 92 -6.88 1.72 -26.85
CA LYS B 92 -8.12 1.07 -27.23
C LYS B 92 -9.09 1.10 -26.05
N ILE B 93 -10.32 1.58 -26.30
CA ILE B 93 -11.30 1.75 -25.24
C ILE B 93 -12.37 0.68 -25.44
N VAL B 94 -12.59 -0.12 -24.40
CA VAL B 94 -13.58 -1.20 -24.48
C VAL B 94 -14.66 -0.93 -23.45
N LYS B 95 -15.90 -0.83 -23.90
CA LYS B 95 -17.00 -0.46 -23.02
C LYS B 95 -17.48 -1.66 -22.20
N TRP B 96 -17.80 -1.39 -20.95
CA TRP B 96 -18.53 -2.40 -20.20
C TRP B 96 -19.88 -2.63 -20.87
N ASP B 97 -20.07 -3.79 -21.47
CA ASP B 97 -21.34 -4.16 -22.07
C ASP B 97 -22.05 -5.09 -21.09
N ARG B 98 -23.19 -4.64 -20.59
CA ARG B 98 -23.97 -5.41 -19.62
C ARG B 98 -24.67 -6.54 -20.36
N ASP B 99 -24.14 -7.75 -20.20
CA ASP B 99 -24.68 -8.94 -20.86
C ASP B 99 -25.66 -9.67 -19.96
N GLY C 1 -1.89 -2.10 6.07
CA GLY C 1 -2.73 -2.42 7.20
C GLY C 1 -3.83 -1.40 7.42
N SER C 2 -3.85 -0.80 8.60
CA SER C 2 -4.81 0.25 8.91
C SER C 2 -4.27 1.61 8.47
N HIS C 3 -5.17 2.44 7.93
CA HIS C 3 -4.79 3.77 7.49
C HIS C 3 -5.84 4.76 7.98
N SER C 4 -5.45 6.04 8.00
CA SER C 4 -6.33 7.09 8.49
C SER C 4 -6.16 8.34 7.66
N MET C 5 -7.18 9.16 7.68
CA MET C 5 -7.10 10.51 7.17
C MET C 5 -7.64 11.41 8.27
N ARG C 6 -6.97 12.54 8.48
CA ARG C 6 -7.29 13.38 9.62
C ARG C 6 -7.06 14.83 9.25
N TYR C 7 -7.98 15.67 9.69
CA TYR C 7 -7.86 17.11 9.49
C TYR C 7 -7.78 17.75 10.85
N PHE C 8 -6.83 18.68 11.02
CA PHE C 8 -6.62 19.39 12.27
C PHE C 8 -6.84 20.86 12.00
N TYR C 9 -7.78 21.47 12.72
CA TYR C 9 -8.05 22.90 12.57
C TYR C 9 -7.72 23.60 13.88
N THR C 10 -7.18 24.80 13.76
CA THR C 10 -7.02 25.73 14.88
C THR C 10 -7.50 27.10 14.46
N SER C 11 -8.38 27.70 15.26
CA SER C 11 -8.73 29.10 15.10
C SER C 11 -8.36 29.83 16.38
N VAL C 12 -7.70 30.98 16.25
CA VAL C 12 -7.26 31.77 17.39
C VAL C 12 -7.78 33.18 17.25
N SER C 13 -8.51 33.67 18.25
CA SER C 13 -9.00 35.04 18.22
C SER C 13 -7.99 35.98 18.83
N ARG C 14 -8.06 37.24 18.38
CA ARG C 14 -7.15 38.29 18.84
C ARG C 14 -7.93 39.60 18.85
N PRO C 15 -8.85 39.76 19.79
CA PRO C 15 -9.81 40.87 19.71
C PRO C 15 -9.15 42.24 19.90
N GLY C 16 -9.76 43.25 19.25
CA GLY C 16 -9.16 44.57 19.17
C GLY C 16 -7.90 44.59 18.36
N ARG C 17 -7.61 43.46 17.71
CA ARG C 17 -6.27 43.03 17.29
C ARG C 17 -6.19 42.64 15.84
N GLY C 18 -7.27 42.65 15.17
CA GLY C 18 -7.30 41.83 14.02
C GLY C 18 -8.37 40.84 14.24
N GLU C 19 -8.44 39.92 13.31
CA GLU C 19 -9.50 38.95 13.22
C GLU C 19 -8.91 37.56 13.35
N PRO C 20 -9.71 36.60 13.78
CA PRO C 20 -9.16 35.28 14.15
C PRO C 20 -8.49 34.59 12.97
N ARG C 21 -7.28 34.09 13.22
CA ARG C 21 -6.54 33.29 12.25
C ARG C 21 -7.05 31.85 12.24
N PHE C 22 -7.14 31.26 11.06
CA PHE C 22 -7.60 29.89 10.89
C PHE C 22 -6.52 29.12 10.15
N ILE C 23 -6.06 28.02 10.75
CA ILE C 23 -5.04 27.12 10.21
C ILE C 23 -5.62 25.72 10.11
N SER C 24 -5.32 25.04 9.01
CA SER C 24 -5.73 23.66 8.85
CA SER C 24 -5.74 23.67 8.84
C SER C 24 -4.60 22.86 8.23
N VAL C 25 -4.45 21.63 8.69
CA VAL C 25 -3.54 20.69 8.07
C VAL C 25 -4.27 19.37 7.92
N GLY C 26 -3.96 18.67 6.85
CA GLY C 26 -4.50 17.35 6.60
C GLY C 26 -3.41 16.32 6.53
N TYR C 27 -3.72 15.13 7.03
CA TYR C 27 -2.79 14.01 7.12
C TYR C 27 -3.44 12.77 6.53
N VAL C 28 -2.66 12.02 5.78
CA VAL C 28 -2.90 10.59 5.63
C VAL C 28 -1.87 9.89 6.49
N ASP C 29 -2.33 9.09 7.45
CA ASP C 29 -1.44 8.42 8.40
C ASP C 29 -0.64 9.53 9.06
N ASP C 30 0.68 9.45 9.08
CA ASP C 30 1.51 10.47 9.68
C ASP C 30 2.12 11.41 8.64
N THR C 31 1.58 11.43 7.43
CA THR C 31 2.11 12.26 6.35
C THR C 31 1.19 13.45 6.15
N GLN C 32 1.70 14.66 6.42
CA GLN C 32 0.93 15.85 6.13
C GLN C 32 0.87 16.06 4.61
N PHE C 33 -0.32 16.33 4.08
CA PHE C 33 -0.43 16.45 2.61
C PHE C 33 -1.10 17.71 2.11
N VAL C 34 -1.81 18.48 2.94
CA VAL C 34 -2.36 19.76 2.55
C VAL C 34 -2.28 20.69 3.75
N ARG C 35 -2.34 21.99 3.47
CA ARG C 35 -2.41 22.98 4.53
C ARG C 35 -3.18 24.18 4.01
N PHE C 36 -3.81 24.90 4.93
CA PHE C 36 -4.49 26.14 4.63
C PHE C 36 -4.23 27.10 5.79
N ASP C 37 -4.00 28.37 5.46
CA ASP C 37 -3.72 29.38 6.47
C ASP C 37 -4.41 30.67 6.03
N SER C 38 -5.33 31.17 6.86
CA SER C 38 -6.05 32.38 6.53
C SER C 38 -5.18 33.62 6.54
N ASP C 39 -3.96 33.55 7.05
CA ASP C 39 -3.10 34.71 7.13
C ASP C 39 -2.41 35.07 5.82
N ALA C 40 -2.49 34.20 4.81
CA ALA C 40 -1.82 34.46 3.56
C ALA C 40 -2.48 35.61 2.80
N ALA C 41 -1.83 36.05 1.73
CA ALA C 41 -2.34 37.12 0.88
C ALA C 41 -3.64 36.68 0.21
N SER C 42 -3.54 35.70 -0.68
CA SER C 42 -4.70 35.00 -1.20
C SER C 42 -4.66 33.59 -0.63
N PRO C 43 -5.36 33.33 0.47
CA PRO C 43 -5.27 32.01 1.10
C PRO C 43 -5.86 30.96 0.19
N ARG C 44 -5.15 29.86 0.06
CA ARG C 44 -5.56 28.74 -0.76
C ARG C 44 -5.09 27.48 -0.09
N GLU C 45 -5.81 26.38 -0.28
CA GLU C 45 -5.26 25.10 0.13
C GLU C 45 -4.00 24.88 -0.70
N GLU C 46 -2.94 24.39 -0.06
CA GLU C 46 -1.67 24.18 -0.73
C GLU C 46 -1.19 22.76 -0.50
N PRO C 47 -0.63 22.12 -1.52
CA PRO C 47 -0.13 20.75 -1.37
C PRO C 47 1.11 20.72 -0.47
N ARG C 48 1.29 19.60 0.22
CA ARG C 48 2.42 19.46 1.14
C ARG C 48 3.08 18.09 1.02
N ALA C 49 2.70 17.29 0.02
CA ALA C 49 3.30 15.99 -0.29
C ALA C 49 3.16 15.83 -1.80
N PRO C 50 4.16 15.25 -2.48
CA PRO C 50 4.15 15.31 -3.95
C PRO C 50 3.00 14.57 -4.61
N TRP C 51 2.48 13.54 -3.96
CA TRP C 51 1.42 12.72 -4.57
C TRP C 51 0.06 13.41 -4.60
N ILE C 52 -0.11 14.54 -3.91
CA ILE C 52 -1.38 15.25 -4.01
C ILE C 52 -1.34 16.31 -5.10
N GLU C 53 -0.15 16.72 -5.56
CA GLU C 53 -0.03 17.80 -6.54
C GLU C 53 -0.70 17.45 -7.86
N GLN C 54 -0.91 16.17 -8.16
N GLN C 54 -0.92 16.17 -8.14
CA GLN C 54 -1.57 15.78 -9.39
CA GLN C 54 -1.58 15.76 -9.38
C GLN C 54 -3.06 16.14 -9.42
C GLN C 54 -3.06 16.11 -9.40
N GLU C 55 -3.64 16.56 -8.29
CA GLU C 55 -5.04 16.96 -8.31
C GLU C 55 -5.21 18.22 -9.14
N GLY C 56 -6.32 18.30 -9.88
CA GLY C 56 -6.57 19.41 -10.77
C GLY C 56 -7.02 20.65 -10.04
N PRO C 57 -7.08 21.77 -10.78
CA PRO C 57 -7.46 23.05 -10.15
C PRO C 57 -8.82 23.03 -9.46
N GLU C 58 -9.76 22.19 -9.90
CA GLU C 58 -11.07 22.21 -9.27
C GLU C 58 -11.00 21.64 -7.85
N TYR C 59 -10.08 20.71 -7.61
CA TYR C 59 -9.81 20.22 -6.25
C TYR C 59 -9.43 21.37 -5.32
N TRP C 60 -8.40 22.13 -5.69
CA TRP C 60 -7.95 23.23 -4.85
C TRP C 60 -9.02 24.32 -4.70
N ASP C 61 -9.77 24.61 -5.78
CA ASP C 61 -10.82 25.63 -5.67
C ASP C 61 -11.91 25.20 -4.72
N ARG C 62 -12.32 23.95 -4.80
CA ARG C 62 -13.41 23.51 -3.94
C ARG C 62 -12.97 23.45 -2.47
N ASN C 63 -11.78 22.89 -2.22
CA ASN C 63 -11.32 22.80 -0.84
C ASN C 63 -11.05 24.18 -0.26
N THR C 64 -10.58 25.10 -1.10
CA THR C 64 -10.35 26.46 -0.62
C THR C 64 -11.66 27.11 -0.19
N GLN C 65 -12.72 26.91 -0.99
CA GLN C 65 -14.06 27.42 -0.63
C GLN C 65 -14.51 26.84 0.72
N ILE C 66 -14.29 25.56 0.93
CA ILE C 66 -14.64 24.96 2.22
C ILE C 66 -13.88 25.62 3.37
N TYR C 67 -12.54 25.76 3.24
CA TYR C 67 -11.79 26.29 4.36
C TYR C 67 -12.22 27.72 4.69
N LYS C 68 -12.51 28.52 3.66
CA LYS C 68 -12.90 29.90 3.91
C LYS C 68 -14.23 29.98 4.63
N ALA C 69 -15.17 29.13 4.26
CA ALA C 69 -16.43 29.10 4.99
C ALA C 69 -16.22 28.53 6.39
N GLN C 70 -15.35 27.53 6.51
CA GLN C 70 -15.06 26.97 7.84
C GLN C 70 -14.50 28.04 8.76
N ALA C 71 -13.61 28.89 8.24
CA ALA C 71 -13.01 29.95 9.05
C ALA C 71 -14.06 30.95 9.50
N GLN C 72 -15.01 31.27 8.61
CA GLN C 72 -16.12 32.13 8.99
CA GLN C 72 -16.13 32.13 8.99
C GLN C 72 -16.97 31.49 10.08
N THR C 73 -17.27 30.19 9.93
CA THR C 73 -18.05 29.49 10.95
C THR C 73 -17.31 29.46 12.27
N ASP C 74 -16.00 29.26 12.24
CA ASP C 74 -15.24 29.18 13.49
C ASP C 74 -15.22 30.54 14.18
N ARG C 75 -15.21 31.64 13.42
CA ARG C 75 -15.25 32.96 14.03
C ARG C 75 -16.55 33.16 14.79
N GLU C 76 -17.68 32.74 14.21
CA GLU C 76 -18.92 32.81 14.96
C GLU C 76 -18.93 31.81 16.12
N SER C 77 -18.29 30.66 15.97
CA SER C 77 -18.20 29.72 17.09
C SER C 77 -17.47 30.38 18.25
N LEU C 78 -16.33 31.01 17.97
CA LEU C 78 -15.55 31.65 19.02
C LEU C 78 -16.38 32.72 19.74
N ARG C 79 -17.20 33.47 18.99
CA ARG C 79 -18.07 34.47 19.61
C ARG C 79 -19.14 33.82 20.48
N ASN C 80 -19.72 32.70 20.03
CA ASN C 80 -20.71 32.00 20.85
C ASN C 80 -20.08 31.44 22.10
N LEU C 81 -18.91 30.81 21.96
CA LEU C 81 -18.22 30.20 23.08
C LEU C 81 -17.83 31.23 24.13
N ARG C 82 -17.36 32.38 23.68
CA ARG C 82 -17.08 33.49 24.57
C ARG C 82 -18.32 33.80 25.41
N GLY C 83 -19.48 33.79 24.77
CA GLY C 83 -20.72 34.00 25.49
C GLY C 83 -21.02 32.88 26.46
N TYR C 84 -20.85 31.63 26.01
CA TYR C 84 -21.17 30.49 26.88
C TYR C 84 -20.34 30.50 28.15
N TYR C 85 -19.09 30.92 28.06
CA TYR C 85 -18.18 30.94 29.20
C TYR C 85 -18.13 32.29 29.89
N ASN C 86 -18.98 33.24 29.48
CA ASN C 86 -19.01 34.58 30.07
C ASN C 86 -17.60 35.18 30.13
N GLN C 87 -16.91 35.10 29.01
CA GLN C 87 -15.55 35.61 28.92
C GLN C 87 -15.56 36.96 28.25
N SER C 88 -14.62 37.80 28.66
CA SER C 88 -14.54 39.16 28.14
C SER C 88 -14.36 39.13 26.63
N GLU C 89 -14.86 40.16 25.96
CA GLU C 89 -14.55 40.26 24.55
C GLU C 89 -13.11 40.70 24.29
N ALA C 90 -12.29 40.86 25.33
CA ALA C 90 -10.95 41.41 25.18
C ALA C 90 -9.86 40.35 25.14
N GLY C 91 -10.12 39.15 25.64
CA GLY C 91 -9.08 38.14 25.69
C GLY C 91 -9.00 37.30 24.43
N SER C 92 -7.84 36.69 24.24
CA SER C 92 -7.59 35.78 23.12
C SER C 92 -7.96 34.35 23.50
N HIS C 93 -8.59 33.64 22.57
CA HIS C 93 -9.06 32.29 22.83
C HIS C 93 -8.82 31.42 21.60
N THR C 94 -8.78 30.12 21.82
CA THR C 94 -8.45 29.14 20.78
C THR C 94 -9.55 28.09 20.66
N LEU C 95 -9.96 27.79 19.44
CA LEU C 95 -10.81 26.64 19.15
C LEU C 95 -10.02 25.64 18.31
N GLN C 96 -9.92 24.40 18.78
CA GLN C 96 -9.26 23.33 18.02
C GLN C 96 -10.27 22.28 17.62
N SER C 97 -10.11 21.75 16.41
CA SER C 97 -11.00 20.74 15.88
CA SER C 97 -11.01 20.76 15.85
C SER C 97 -10.19 19.65 15.21
N MET C 98 -10.73 18.43 15.22
N MET C 98 -10.61 18.41 15.39
CA MET C 98 -9.98 17.25 14.81
CA MET C 98 -9.99 17.28 14.71
C MET C 98 -11.00 16.21 14.38
C MET C 98 -11.10 16.33 14.31
N TYR C 99 -10.99 15.80 13.10
CA TYR C 99 -11.91 14.79 12.62
C TYR C 99 -11.24 13.89 11.61
N GLY C 100 -11.76 12.68 11.46
CA GLY C 100 -11.21 11.80 10.45
C GLY C 100 -11.70 10.37 10.61
N CYS C 101 -11.24 9.56 9.67
CA CYS C 101 -11.63 8.16 9.55
C CYS C 101 -10.41 7.25 9.57
N ASP C 102 -10.51 6.14 10.29
CA ASP C 102 -9.56 5.04 10.24
C ASP C 102 -10.18 3.89 9.45
N VAL C 103 -9.42 3.32 8.51
CA VAL C 103 -9.90 2.15 7.78
C VAL C 103 -8.92 1.01 8.02
N GLY C 104 -9.43 -0.20 7.87
CA GLY C 104 -8.60 -1.39 7.97
C GLY C 104 -8.10 -1.78 6.60
N PRO C 105 -7.42 -2.94 6.52
CA PRO C 105 -6.94 -3.40 5.21
C PRO C 105 -8.05 -3.54 4.18
N ASP C 106 -9.25 -3.92 4.62
CA ASP C 106 -10.42 -4.01 3.76
C ASP C 106 -10.78 -2.69 3.10
N GLY C 107 -10.33 -1.56 3.63
CA GLY C 107 -10.74 -0.27 3.13
C GLY C 107 -12.04 0.25 3.71
N ARG C 108 -12.65 -0.47 4.64
CA ARG C 108 -13.89 -0.03 5.25
C ARG C 108 -13.62 0.69 6.56
N LEU C 109 -14.52 1.60 6.89
CA LEU C 109 -14.40 2.37 8.11
C LEU C 109 -14.34 1.46 9.33
N LEU C 110 -13.33 1.67 10.17
CA LEU C 110 -13.20 1.01 11.47
C LEU C 110 -13.60 1.93 12.61
N ARG C 111 -13.06 3.14 12.63
CA ARG C 111 -13.37 4.13 13.65
C ARG C 111 -13.44 5.49 12.99
N GLY C 112 -14.35 6.33 13.49
CA GLY C 112 -14.39 7.72 13.10
C GLY C 112 -14.16 8.61 14.31
N HIS C 113 -13.72 9.85 14.05
CA HIS C 113 -13.49 10.82 15.11
C HIS C 113 -13.99 12.19 14.66
N ASP C 114 -14.52 12.96 15.61
CA ASP C 114 -14.90 14.34 15.33
C ASP C 114 -15.03 15.04 16.68
N GLN C 115 -14.04 15.87 17.03
CA GLN C 115 -14.03 16.41 18.39
C GLN C 115 -13.39 17.78 18.40
N TYR C 116 -13.60 18.48 19.51
CA TYR C 116 -13.29 19.89 19.65
C TYR C 116 -12.70 20.16 21.04
N ALA C 117 -11.79 21.12 21.08
CA ALA C 117 -11.27 21.66 22.33
C ALA C 117 -11.34 23.17 22.25
N TYR C 118 -11.53 23.80 23.41
CA TYR C 118 -11.59 25.25 23.57
C TYR C 118 -10.57 25.61 24.62
N ASP C 119 -9.62 26.46 24.23
CA ASP C 119 -8.49 26.83 25.09
C ASP C 119 -7.76 25.58 25.61
N GLY C 120 -7.57 24.62 24.71
CA GLY C 120 -6.86 23.37 24.97
C GLY C 120 -7.59 22.39 25.87
N LYS C 121 -8.84 22.64 26.23
CA LYS C 121 -9.65 21.78 27.11
C LYS C 121 -10.76 21.11 26.31
N ASP C 122 -11.06 19.84 26.65
CA ASP C 122 -12.10 19.11 25.95
C ASP C 122 -13.42 19.88 25.98
N TYR C 123 -14.09 19.94 24.82
CA TYR C 123 -15.33 20.68 24.68
C TYR C 123 -16.46 19.73 24.29
N ILE C 124 -16.45 19.18 23.08
CA ILE C 124 -17.43 18.18 22.69
C ILE C 124 -16.75 17.22 21.75
N ALA C 125 -17.19 15.96 21.80
CA ALA C 125 -16.65 14.91 20.95
C ALA C 125 -17.77 14.01 20.46
N LEU C 126 -17.66 13.53 19.22
CA LEU C 126 -18.59 12.55 18.68
C LEU C 126 -18.27 11.17 19.24
N ASN C 127 -19.30 10.48 19.75
CA ASN C 127 -19.07 9.18 20.37
C ASN C 127 -18.70 8.12 19.35
N GLU C 128 -18.15 7.02 19.85
CA GLU C 128 -17.63 5.94 19.02
C GLU C 128 -18.69 5.38 18.08
N ASP C 129 -19.97 5.48 18.43
CA ASP C 129 -21.04 5.00 17.57
C ASP C 129 -21.42 6.00 16.48
N LEU C 130 -20.84 7.21 16.48
CA LEU C 130 -21.05 8.21 15.44
C LEU C 130 -22.52 8.65 15.37
N ARG C 131 -23.25 8.51 16.48
CA ARG C 131 -24.66 8.87 16.49
C ARG C 131 -25.04 9.78 17.65
N SER C 132 -24.11 10.05 18.56
CA SER C 132 -24.36 10.90 19.72
C SER C 132 -23.09 11.65 20.07
N TRP C 133 -23.24 12.68 20.89
CA TRP C 133 -22.14 13.52 21.36
C TRP C 133 -21.91 13.37 22.86
N THR C 134 -20.66 13.58 23.29
CA THR C 134 -20.34 13.76 24.70
C THR C 134 -19.86 15.19 24.90
N ALA C 135 -20.59 15.94 25.72
CA ALA C 135 -20.19 17.29 26.10
C ALA C 135 -19.40 17.23 27.40
N ALA C 136 -18.31 17.98 27.46
CA ALA C 136 -17.39 17.85 28.58
C ALA C 136 -17.72 18.78 29.74
N ASP C 137 -18.49 19.85 29.53
CA ASP C 137 -18.80 20.76 30.64
C ASP C 137 -20.15 21.42 30.40
N THR C 138 -20.49 22.37 31.27
CA THR C 138 -21.78 23.03 31.19
C THR C 138 -21.95 23.81 29.89
N ALA C 139 -20.89 24.51 29.46
CA ALA C 139 -21.00 25.29 28.21
C ALA C 139 -21.27 24.40 27.01
N ALA C 140 -20.58 23.26 26.93
CA ALA C 140 -20.76 22.40 25.77
C ALA C 140 -22.15 21.77 25.70
N GLN C 141 -22.89 21.71 26.82
CA GLN C 141 -24.27 21.23 26.75
C GLN C 141 -25.12 22.09 25.82
N ILE C 142 -24.82 23.38 25.72
CA ILE C 142 -25.53 24.26 24.80
C ILE C 142 -25.31 23.81 23.38
N THR C 143 -24.05 23.57 23.00
CA THR C 143 -23.77 23.06 21.67
C THR C 143 -24.41 21.69 21.47
N GLN C 144 -24.33 20.82 22.48
CA GLN C 144 -24.87 19.48 22.31
C GLN C 144 -26.36 19.51 21.99
N ARG C 145 -27.11 20.37 22.69
CA ARG C 145 -28.55 20.35 22.48
C ARG C 145 -28.92 20.97 21.12
N LYS C 146 -28.18 21.99 20.68
CA LYS C 146 -28.43 22.52 19.33
C LYS C 146 -28.05 21.50 18.26
N TRP C 147 -26.93 20.80 18.46
CA TRP C 147 -26.48 19.83 17.46
C TRP C 147 -27.33 18.56 17.46
N GLU C 148 -27.92 18.18 18.58
CA GLU C 148 -28.78 17.00 18.45
C GLU C 148 -30.09 17.38 17.74
N ALA C 149 -30.65 18.56 18.04
CA ALA C 149 -31.84 18.98 17.30
C ALA C 149 -31.57 19.13 15.81
N ALA C 150 -30.34 19.52 15.45
CA ALA C 150 -29.96 19.71 14.05
C ALA C 150 -29.64 18.42 13.34
N ARG C 151 -29.61 17.30 14.06
CA ARG C 151 -29.16 16.00 13.52
C ARG C 151 -27.72 16.08 13.00
N GLU C 152 -26.90 16.89 13.65
CA GLU C 152 -25.53 17.09 13.21
C GLU C 152 -24.74 15.79 13.14
N ALA C 153 -24.98 14.85 14.08
CA ALA C 153 -24.20 13.62 14.08
C ALA C 153 -24.43 12.80 12.81
N GLU C 154 -25.65 12.82 12.28
CA GLU C 154 -25.97 12.11 11.05
C GLU C 154 -25.16 12.65 9.89
N GLN C 155 -25.09 13.98 9.76
CA GLN C 155 -24.30 14.60 8.69
CA GLN C 155 -24.31 14.57 8.68
C GLN C 155 -22.84 14.17 8.77
N ARG C 156 -22.28 14.16 9.98
CA ARG C 156 -20.87 13.85 10.11
C ARG C 156 -20.61 12.37 9.91
N ARG C 157 -21.48 11.52 10.44
CA ARG C 157 -21.37 10.08 10.22
C ARG C 157 -21.39 9.73 8.74
N ALA C 158 -22.25 10.39 7.98
CA ALA C 158 -22.33 10.14 6.54
C ALA C 158 -21.00 10.43 5.86
N TYR C 159 -20.36 11.55 6.20
CA TYR C 159 -19.05 11.86 5.63
C TYR C 159 -18.04 10.81 6.07
N LEU C 160 -18.04 10.46 7.35
CA LEU C 160 -17.01 9.55 7.87
C LEU C 160 -17.14 8.16 7.25
N GLU C 161 -18.36 7.68 7.03
CA GLU C 161 -18.57 6.38 6.40
C GLU C 161 -18.54 6.46 4.87
N GLY C 162 -18.67 7.64 4.31
CA GLY C 162 -18.77 7.80 2.86
C GLY C 162 -17.56 8.46 2.24
N GLU C 163 -17.64 9.78 2.07
CA GLU C 163 -16.61 10.49 1.31
C GLU C 163 -15.24 10.41 1.98
N CYS C 164 -15.19 10.50 3.31
CA CYS C 164 -13.91 10.42 3.99
C CYS C 164 -13.12 9.19 3.53
N VAL C 165 -13.75 8.03 3.60
CA VAL C 165 -13.11 6.76 3.22
C VAL C 165 -12.77 6.74 1.74
N GLU C 166 -13.65 7.31 0.91
CA GLU C 166 -13.40 7.32 -0.53
C GLU C 166 -12.19 8.19 -0.87
N TRP C 167 -12.07 9.38 -0.27
CA TRP C 167 -10.91 10.20 -0.61
C TRP C 167 -9.64 9.56 -0.08
N LEU C 168 -9.69 8.98 1.12
CA LEU C 168 -8.54 8.27 1.68
C LEU C 168 -8.06 7.16 0.74
N ARG C 169 -9.00 6.37 0.21
CA ARG C 169 -8.63 5.30 -0.70
C ARG C 169 -8.01 5.84 -1.98
N ARG C 170 -8.51 6.97 -2.49
CA ARG C 170 -7.86 7.62 -3.62
C ARG C 170 -6.43 8.02 -3.28
N TYR C 171 -6.24 8.76 -2.17
CA TYR C 171 -4.90 9.19 -1.77
C TYR C 171 -3.94 8.02 -1.60
N LEU C 172 -4.39 6.93 -0.96
CA LEU C 172 -3.51 5.80 -0.70
C LEU C 172 -3.01 5.19 -2.00
N GLU C 173 -3.85 5.17 -3.03
CA GLU C 173 -3.42 4.62 -4.31
C GLU C 173 -2.45 5.56 -5.02
N ASN C 174 -2.76 6.86 -5.04
CA ASN C 174 -1.89 7.81 -5.73
C ASN C 174 -0.54 8.00 -5.03
N GLY C 175 -0.47 7.70 -3.73
CA GLY C 175 0.79 7.88 -3.05
C GLY C 175 1.35 6.59 -2.50
N LYS C 176 0.95 5.46 -3.10
CA LYS C 176 1.25 4.15 -2.53
C LYS C 176 2.74 4.01 -2.25
N ASP C 177 3.58 4.47 -3.17
CA ASP C 177 5.03 4.32 -3.03
C ASP C 177 5.51 4.79 -1.66
N LYS C 178 5.12 5.99 -1.27
CA LYS C 178 5.57 6.53 0.01
C LYS C 178 4.67 6.10 1.16
N LEU C 179 3.34 6.10 0.94
CA LEU C 179 2.41 5.95 2.06
C LEU C 179 2.37 4.52 2.60
N GLU C 180 2.52 3.52 1.74
CA GLU C 180 2.49 2.14 2.21
C GLU C 180 3.87 1.54 2.39
N ARG C 181 4.90 2.39 2.44
CA ARG C 181 6.26 1.90 2.64
C ARG C 181 6.46 1.43 4.08
N ALA C 182 7.25 0.39 4.25
CA ALA C 182 7.73 -0.05 5.55
C ALA C 182 9.12 0.52 5.74
N ASP C 183 9.28 1.43 6.71
CA ASP C 183 10.59 1.98 7.03
C ASP C 183 10.92 1.63 8.47
N PRO C 184 11.63 0.53 8.70
CA PRO C 184 11.95 0.11 10.08
C PRO C 184 12.88 1.08 10.77
N PRO C 185 12.91 1.09 12.11
CA PRO C 185 13.87 1.93 12.81
C PRO C 185 15.28 1.40 12.63
N LYS C 186 16.24 2.32 12.55
CA LYS C 186 17.64 1.97 12.74
C LYS C 186 17.98 2.20 14.21
N THR C 187 18.43 1.16 14.88
CA THR C 187 18.55 1.17 16.33
C THR C 187 20.00 1.00 16.76
N HIS C 188 20.27 1.45 18.00
CA HIS C 188 21.56 1.25 18.66
C HIS C 188 21.38 1.67 20.11
N VAL C 189 22.29 1.19 20.96
CA VAL C 189 22.25 1.46 22.39
C VAL C 189 23.51 2.25 22.76
N THR C 190 23.34 3.35 23.47
CA THR C 190 24.50 4.10 23.95
C THR C 190 24.66 3.91 25.47
N HIS C 191 25.81 4.31 25.96
CA HIS C 191 26.21 4.05 27.34
C HIS C 191 26.93 5.29 27.83
N HIS C 192 26.41 5.91 28.88
CA HIS C 192 27.05 7.08 29.48
C HIS C 192 27.16 6.90 30.99
N PRO C 193 28.37 6.77 31.52
CA PRO C 193 28.50 6.66 32.98
C PRO C 193 28.09 7.97 33.64
N ILE C 194 27.34 7.86 34.75
CA ILE C 194 27.02 9.04 35.55
C ILE C 194 27.82 9.11 36.85
N SER C 195 28.44 8.01 37.28
CA SER C 195 29.25 7.98 38.49
C SER C 195 30.11 6.73 38.38
N ASP C 196 30.90 6.49 39.43
CA ASP C 196 31.66 5.24 39.47
C ASP C 196 30.75 4.02 39.55
N HIS C 197 29.54 4.18 40.07
CA HIS C 197 28.67 3.06 40.32
C HIS C 197 27.52 2.92 39.32
N GLU C 198 27.24 3.95 38.51
CA GLU C 198 26.02 3.96 37.71
C GLU C 198 26.28 4.48 36.31
N ALA C 199 25.41 4.07 35.39
CA ALA C 199 25.51 4.47 33.99
C ALA C 199 24.11 4.54 33.39
N THR C 200 23.97 5.38 32.37
CA THR C 200 22.73 5.47 31.61
C THR C 200 22.87 4.65 30.33
N LEU C 201 21.91 3.76 30.09
CA LEU C 201 21.79 3.07 28.82
C LEU C 201 20.65 3.72 28.05
N ARG C 202 20.91 4.09 26.80
CA ARG C 202 19.88 4.77 26.01
C ARG C 202 19.69 4.01 24.72
N CYS C 203 18.48 3.52 24.51
CA CYS C 203 18.11 2.77 23.33
C CYS C 203 17.49 3.73 22.33
N TRP C 204 18.04 3.78 21.13
CA TRP C 204 17.67 4.75 20.08
C TRP C 204 16.90 4.08 18.96
N ALA C 205 15.86 4.74 18.47
CA ALA C 205 15.18 4.30 17.25
C ALA C 205 15.13 5.49 16.31
N LEU C 206 15.68 5.33 15.11
CA LEU C 206 15.85 6.42 14.16
C LEU C 206 15.34 6.01 12.79
N GLY C 207 14.85 7.02 12.06
CA GLY C 207 14.51 6.85 10.66
C GLY C 207 13.31 6.00 10.38
N PHE C 208 12.30 6.00 11.25
CA PHE C 208 11.20 5.06 11.08
C PHE C 208 9.92 5.78 10.67
N TYR C 209 9.07 5.05 9.97
CA TYR C 209 7.77 5.53 9.52
C TYR C 209 6.90 4.30 9.40
N PRO C 210 5.63 4.34 9.84
CA PRO C 210 4.96 5.49 10.46
C PRO C 210 5.42 5.73 11.90
N ALA C 211 4.73 6.62 12.63
CA ALA C 211 5.30 7.13 13.87
C ALA C 211 5.06 6.23 15.07
N GLU C 212 4.04 5.37 15.01
CA GLU C 212 3.74 4.46 16.12
CA GLU C 212 3.75 4.48 16.12
C GLU C 212 4.90 3.49 16.34
N ILE C 213 5.37 3.41 17.59
CA ILE C 213 6.48 2.53 17.94
C ILE C 213 6.42 2.27 19.44
N THR C 214 7.00 1.16 19.87
CA THR C 214 7.13 0.90 21.31
C THR C 214 8.58 0.56 21.63
N LEU C 215 9.14 1.26 22.61
CA LEU C 215 10.48 0.98 23.13
C LEU C 215 10.36 0.70 24.62
N THR C 216 10.90 -0.42 25.08
CA THR C 216 10.82 -0.81 26.48
CA THR C 216 10.82 -0.81 26.48
C THR C 216 12.12 -1.49 26.90
N TRP C 217 12.50 -1.26 28.14
CA TRP C 217 13.69 -1.84 28.73
C TRP C 217 13.30 -3.02 29.62
N GLN C 218 14.02 -4.13 29.50
CA GLN C 218 13.88 -5.28 30.40
C GLN C 218 15.16 -5.44 31.23
N ARG C 219 15.01 -5.93 32.45
CA ARG C 219 16.14 -6.38 33.24
C ARG C 219 15.96 -7.86 33.54
N ASP C 220 17.00 -8.66 33.27
CA ASP C 220 16.95 -10.12 33.44
C ASP C 220 15.72 -10.73 32.77
N GLY C 221 15.28 -10.15 31.66
CA GLY C 221 14.07 -10.61 31.02
C GLY C 221 12.77 -10.14 31.63
N GLU C 222 12.81 -9.24 32.61
CA GLU C 222 11.63 -8.69 33.27
C GLU C 222 11.48 -7.22 32.90
N ASP C 223 10.28 -6.83 32.48
CA ASP C 223 10.07 -5.45 32.01
C ASP C 223 10.32 -4.44 33.14
N GLN C 224 10.90 -3.31 32.76
CA GLN C 224 11.38 -2.26 33.67
C GLN C 224 10.63 -0.94 33.45
N THR C 225 9.32 -1.00 33.26
CA THR C 225 8.59 0.21 32.85
C THR C 225 8.64 1.29 33.91
N GLN C 226 8.96 0.96 35.16
CA GLN C 226 8.90 1.93 36.24
C GLN C 226 9.96 3.01 36.09
N ASP C 227 11.20 2.61 35.81
CA ASP C 227 12.34 3.54 35.85
C ASP C 227 12.88 3.88 34.47
N THR C 228 12.09 3.70 33.42
CA THR C 228 12.51 3.99 32.06
C THR C 228 12.14 5.43 31.69
N GLU C 229 13.15 6.24 31.40
CA GLU C 229 12.92 7.61 30.93
C GLU C 229 12.66 7.59 29.43
N LEU C 230 11.53 8.13 29.02
CA LEU C 230 11.08 8.05 27.63
C LEU C 230 10.85 9.46 27.11
N VAL C 231 11.25 9.72 25.87
CA VAL C 231 10.93 10.99 25.24
C VAL C 231 9.82 10.77 24.22
N GLU C 232 9.02 11.82 24.03
CA GLU C 232 8.01 11.83 22.99
C GLU C 232 8.63 11.57 21.62
N THR C 233 7.94 10.76 20.82
CA THR C 233 8.30 10.60 19.42
C THR C 233 8.36 11.96 18.72
N ARG C 234 9.43 12.19 17.98
CA ARG C 234 9.72 13.49 17.38
C ARG C 234 10.00 13.34 15.89
N PRO C 235 9.63 14.34 15.09
CA PRO C 235 9.92 14.27 13.65
C PRO C 235 11.39 14.54 13.37
N ALA C 236 11.96 13.75 12.45
CA ALA C 236 13.32 14.02 11.98
C ALA C 236 13.39 15.16 10.97
N GLY C 237 12.32 15.45 10.25
CA GLY C 237 12.32 16.50 9.24
C GLY C 237 12.22 16.01 7.82
N ASP C 238 12.39 14.71 7.58
CA ASP C 238 12.34 14.08 6.28
C ASP C 238 11.20 13.05 6.24
N ARG C 239 10.09 13.36 6.90
CA ARG C 239 8.93 12.50 7.01
C ARG C 239 9.18 11.24 7.85
N THR C 240 10.34 11.12 8.48
CA THR C 240 10.60 10.02 9.42
C THR C 240 10.62 10.55 10.84
N PHE C 241 10.68 9.62 11.79
CA PHE C 241 10.51 9.98 13.18
C PHE C 241 11.63 9.38 14.02
N GLN C 242 11.77 9.88 15.24
CA GLN C 242 12.79 9.42 16.18
C GLN C 242 12.20 9.21 17.56
N LYS C 243 12.85 8.36 18.34
CA LYS C 243 12.48 8.13 19.74
C LYS C 243 13.65 7.49 20.47
N TRP C 244 13.74 7.76 21.77
CA TRP C 244 14.70 7.02 22.58
C TRP C 244 14.12 6.81 23.97
N ALA C 245 14.63 5.76 24.63
CA ALA C 245 14.26 5.39 25.98
C ALA C 245 15.53 5.04 26.76
N ALA C 246 15.62 5.52 28.00
CA ALA C 246 16.85 5.41 28.77
C ALA C 246 16.57 4.74 30.10
N VAL C 247 17.58 4.05 30.64
CA VAL C 247 17.53 3.48 31.98
C VAL C 247 18.87 3.68 32.66
N VAL C 248 18.81 3.89 33.97
CA VAL C 248 20.01 4.00 34.79
C VAL C 248 20.30 2.63 35.37
N VAL C 249 21.48 2.10 35.10
CA VAL C 249 21.79 0.75 35.54
C VAL C 249 23.04 0.78 36.42
N PRO C 250 23.19 -0.17 37.34
CA PRO C 250 24.46 -0.29 38.06
C PRO C 250 25.58 -0.68 37.12
N SER C 251 26.73 -0.01 37.27
CA SER C 251 27.89 -0.31 36.45
C SER C 251 28.30 -1.78 36.56
N GLY C 252 28.57 -2.38 35.41
CA GLY C 252 28.90 -3.80 35.35
C GLY C 252 27.72 -4.72 35.18
N GLU C 253 26.48 -4.22 35.30
CA GLU C 253 25.30 -5.01 35.02
C GLU C 253 24.64 -4.58 33.71
N GLU C 254 25.36 -3.87 32.85
CA GLU C 254 24.76 -3.39 31.61
C GLU C 254 24.16 -4.55 30.81
N GLN C 255 24.92 -5.64 30.67
CA GLN C 255 24.45 -6.70 29.78
C GLN C 255 23.23 -7.44 30.30
N ARG C 256 22.77 -7.16 31.53
CA ARG C 256 21.52 -7.74 32.02
CA ARG C 256 21.52 -7.76 32.00
C ARG C 256 20.29 -7.02 31.49
N TYR C 257 20.46 -5.91 30.76
CA TYR C 257 19.35 -5.09 30.28
C TYR C 257 19.19 -5.24 28.78
N THR C 258 17.94 -5.38 28.34
CA THR C 258 17.59 -5.55 26.94
C THR C 258 16.58 -4.49 26.55
N CYS C 259 16.81 -3.85 25.41
CA CYS C 259 15.84 -2.93 24.85
C CYS C 259 15.00 -3.68 23.81
N HIS C 260 13.70 -3.48 23.88
CA HIS C 260 12.78 -4.18 22.99
C HIS C 260 12.05 -3.17 22.11
N VAL C 261 12.06 -3.41 20.81
CA VAL C 261 11.57 -2.46 19.81
C VAL C 261 10.52 -3.16 18.96
N GLN C 262 9.30 -2.64 18.97
CA GLN C 262 8.26 -3.13 18.07
CA GLN C 262 8.24 -3.13 18.09
C GLN C 262 7.85 -2.03 17.11
N HIS C 263 7.76 -2.37 15.83
CA HIS C 263 7.39 -1.38 14.83
C HIS C 263 6.82 -2.10 13.62
N GLU C 264 5.83 -1.48 13.00
CA GLU C 264 5.16 -2.06 11.83
C GLU C 264 6.17 -2.53 10.80
N GLY C 265 7.24 -1.76 10.59
CA GLY C 265 8.27 -2.08 9.63
C GLY C 265 9.24 -3.17 10.01
N LEU C 266 9.10 -3.80 11.18
CA LEU C 266 10.06 -4.79 11.64
C LEU C 266 9.53 -6.20 11.42
N PRO C 267 10.29 -7.07 10.75
CA PRO C 267 9.84 -8.46 10.58
C PRO C 267 9.50 -9.15 11.89
N LYS C 268 10.33 -8.97 12.90
CA LYS C 268 10.08 -9.45 14.25
C LYS C 268 10.51 -8.38 15.23
N PRO C 269 9.92 -8.35 16.42
CA PRO C 269 10.36 -7.41 17.45
C PRO C 269 11.86 -7.54 17.68
N LEU C 270 12.54 -6.42 17.85
CA LEU C 270 13.98 -6.45 18.04
C LEU C 270 14.29 -6.48 19.52
N THR C 271 15.38 -7.17 19.86
CA THR C 271 15.97 -7.18 21.19
C THR C 271 17.40 -6.67 21.06
N LEU C 272 17.71 -5.58 21.75
CA LEU C 272 19.03 -4.95 21.66
C LEU C 272 19.66 -4.88 23.05
N ARG C 273 20.98 -4.96 23.08
CA ARG C 273 21.75 -4.78 24.30
C ARG C 273 22.84 -3.75 24.05
N TRP C 274 23.32 -3.15 25.14
CA TRP C 274 24.61 -2.48 25.07
C TRP C 274 25.63 -3.47 24.52
N GLU C 275 26.49 -2.99 23.63
CA GLU C 275 27.48 -3.85 22.98
C GLU C 275 28.89 -3.45 23.39
N PRO C 276 29.54 -4.18 24.29
CA PRO C 276 30.90 -3.84 24.74
C PRO C 276 31.98 -4.22 23.73
N GLN D 3 -2.86 27.11 30.16
CA GLN D 3 -1.45 27.37 29.83
C GLN D 3 -0.54 26.19 30.15
N ARG D 4 0.38 25.90 29.24
CA ARG D 4 1.25 24.73 29.35
C ARG D 4 2.66 25.09 28.91
N THR D 5 3.66 24.70 29.72
CA THR D 5 5.04 25.06 29.43
C THR D 5 5.66 24.07 28.45
N PRO D 6 6.27 24.55 27.36
CA PRO D 6 6.72 23.63 26.31
C PRO D 6 7.76 22.64 26.77
N LYS D 7 7.68 21.44 26.21
CA LYS D 7 8.82 20.53 26.19
C LYS D 7 9.67 20.87 24.99
N ILE D 8 10.99 20.75 25.16
CA ILE D 8 11.96 21.14 24.15
C ILE D 8 12.93 19.98 23.95
N GLN D 9 13.13 19.60 22.70
CA GLN D 9 14.16 18.65 22.32
C GLN D 9 15.01 19.26 21.20
N VAL D 10 16.34 19.12 21.32
CA VAL D 10 17.29 19.59 20.32
C VAL D 10 18.11 18.41 19.82
N TYR D 11 18.15 18.23 18.49
CA TYR D 11 18.75 17.04 17.91
C TYR D 11 19.00 17.28 16.43
N SER D 12 19.71 16.34 15.81
CA SER D 12 19.99 16.40 14.39
C SER D 12 19.18 15.35 13.64
N ARG D 13 18.91 15.64 12.37
CA ARG D 13 18.12 14.73 11.54
C ARG D 13 18.79 13.36 11.44
N HIS D 14 20.05 13.34 11.02
CA HIS D 14 20.86 12.12 10.91
C HIS D 14 21.93 12.09 12.00
N PRO D 15 22.53 10.93 12.26
CA PRO D 15 23.65 10.87 13.20
C PRO D 15 24.75 11.87 12.81
N ALA D 16 25.24 12.59 13.80
CA ALA D 16 26.12 13.73 13.55
C ALA D 16 27.53 13.26 13.25
N GLU D 17 28.06 13.66 12.09
CA GLU D 17 29.45 13.40 11.72
C GLU D 17 30.13 14.71 11.34
N ASN D 18 31.38 14.87 11.76
CA ASN D 18 32.10 16.12 11.54
C ASN D 18 32.28 16.40 10.05
N GLY D 19 31.95 17.62 9.65
CA GLY D 19 32.12 18.05 8.27
C GLY D 19 31.12 17.48 7.30
N LYS D 20 30.09 16.80 7.79
CA LYS D 20 29.04 16.24 6.95
C LYS D 20 27.78 17.07 7.13
N SER D 21 27.13 17.41 6.01
CA SER D 21 25.97 18.28 6.09
C SER D 21 24.81 17.54 6.76
N ASN D 22 24.05 18.29 7.55
CA ASN D 22 23.00 17.73 8.39
C ASN D 22 21.89 18.76 8.51
N PHE D 23 20.93 18.48 9.37
CA PHE D 23 19.91 19.45 9.76
C PHE D 23 19.82 19.44 11.27
N LEU D 24 19.83 20.62 11.88
CA LEU D 24 19.65 20.79 13.32
C LEU D 24 18.20 21.10 13.62
N ASN D 25 17.62 20.39 14.59
CA ASN D 25 16.20 20.45 14.91
C ASN D 25 15.98 20.95 16.33
N CYS D 26 14.92 21.75 16.50
CA CYS D 26 14.41 22.12 17.81
C CYS D 26 12.90 21.90 17.82
N TYR D 27 12.46 20.90 18.58
CA TYR D 27 11.07 20.44 18.59
C TYR D 27 10.43 20.89 19.89
N VAL D 28 9.44 21.78 19.80
CA VAL D 28 8.72 22.26 20.97
C VAL D 28 7.29 21.74 20.88
N SER D 29 6.75 21.32 22.02
CA SER D 29 5.46 20.65 22.02
C SER D 29 4.83 20.76 23.40
N GLY D 30 3.53 20.51 23.45
CA GLY D 30 2.83 20.49 24.71
C GLY D 30 2.60 21.86 25.30
N PHE D 31 2.60 22.91 24.48
CA PHE D 31 2.44 24.26 25.01
C PHE D 31 1.05 24.80 24.69
N HIS D 32 0.62 25.72 25.53
CA HIS D 32 -0.59 26.50 25.29
C HIS D 32 -0.40 27.82 25.99
N PRO D 33 -0.78 28.95 25.38
CA PRO D 33 -1.39 29.09 24.04
C PRO D 33 -0.39 28.83 22.93
N SER D 34 -0.80 28.94 21.67
CA SER D 34 0.04 28.47 20.57
C SER D 34 1.16 29.46 20.21
N ASP D 35 1.14 30.67 20.74
CA ASP D 35 2.14 31.66 20.40
C ASP D 35 3.43 31.39 21.16
N ILE D 36 4.57 31.43 20.47
CA ILE D 36 5.85 31.02 21.05
C ILE D 36 6.99 31.58 20.22
N GLU D 37 8.15 31.73 20.85
CA GLU D 37 9.38 32.22 20.22
C GLU D 37 10.45 31.17 20.42
N VAL D 38 11.02 30.68 19.32
CA VAL D 38 12.00 29.59 19.33
C VAL D 38 13.20 30.00 18.50
N ASP D 39 14.39 29.62 18.94
CA ASP D 39 15.60 30.00 18.21
C ASP D 39 16.65 28.92 18.24
N LEU D 40 17.34 28.78 17.12
CA LEU D 40 18.55 27.98 17.03
C LEU D 40 19.74 28.91 17.22
N LEU D 41 20.69 28.49 18.06
CA LEU D 41 21.90 29.25 18.28
C LEU D 41 23.10 28.45 17.77
N LYS D 42 24.10 29.17 17.27
CA LYS D 42 25.39 28.59 16.94
C LYS D 42 26.44 29.38 17.69
N ASN D 43 27.11 28.73 18.65
CA ASN D 43 28.09 29.39 19.51
C ASN D 43 27.50 30.63 20.17
N GLY D 44 26.25 30.52 20.59
CA GLY D 44 25.62 31.59 21.33
C GLY D 44 25.06 32.73 20.49
N GLU D 45 25.15 32.66 19.16
CA GLU D 45 24.61 33.68 18.29
C GLU D 45 23.41 33.14 17.52
N ARG D 46 22.42 33.99 17.30
CA ARG D 46 21.22 33.57 16.60
C ARG D 46 21.55 33.10 15.20
N ILE D 47 21.04 31.93 14.83
CA ILE D 47 21.09 31.46 13.45
C ILE D 47 19.97 32.15 12.68
N GLU D 48 20.32 33.13 11.85
CA GLU D 48 19.32 33.59 10.91
C GLU D 48 18.99 32.42 9.98
N LYS D 49 17.88 32.53 9.25
CA LYS D 49 17.48 31.53 8.25
C LYS D 49 16.94 30.23 8.85
N VAL D 50 15.98 30.28 9.77
CA VAL D 50 15.44 29.05 10.37
C VAL D 50 13.99 28.90 9.94
N GLU D 51 13.67 27.74 9.38
CA GLU D 51 12.33 27.39 8.95
C GLU D 51 11.58 26.67 10.08
N HIS D 52 10.27 26.54 9.92
CA HIS D 52 9.50 25.82 10.93
C HIS D 52 8.26 25.21 10.31
N SER D 53 7.82 24.11 10.89
CA SER D 53 6.69 23.36 10.36
C SER D 53 5.40 24.18 10.51
N ASP D 54 4.36 23.70 9.85
CA ASP D 54 3.04 24.30 10.03
C ASP D 54 2.50 23.91 11.41
N LEU D 55 2.05 24.91 12.18
CA LEU D 55 1.43 24.69 13.48
C LEU D 55 0.37 23.60 13.42
N SER D 56 0.49 22.61 14.32
CA SER D 56 -0.50 21.56 14.43
C SER D 56 -0.49 21.05 15.87
N PHE D 57 -1.19 19.95 16.11
CA PHE D 57 -1.33 19.48 17.48
C PHE D 57 -1.58 18.00 17.43
N SER D 58 -1.34 17.36 18.57
CA SER D 58 -1.49 15.92 18.70
C SER D 58 -2.89 15.58 19.15
N LYS D 59 -3.19 14.28 19.23
CA LYS D 59 -4.51 13.84 19.65
C LYS D 59 -4.91 14.43 20.98
N ASP D 60 -3.94 14.69 21.86
CA ASP D 60 -4.23 15.20 23.19
C ASP D 60 -4.37 16.71 23.22
N TRP D 61 -4.44 17.37 22.06
CA TRP D 61 -4.63 18.81 21.83
C TRP D 61 -3.37 19.64 22.05
N SER D 62 -2.24 19.04 22.41
CA SER D 62 -1.04 19.83 22.67
C SER D 62 -0.43 20.23 21.34
N PHE D 63 -0.13 21.51 21.19
CA PHE D 63 0.49 22.04 19.98
C PHE D 63 1.92 21.54 19.87
N TYR D 64 2.43 21.53 18.64
CA TYR D 64 3.83 21.20 18.41
C TYR D 64 4.35 21.93 17.18
N LEU D 65 5.63 22.24 17.19
CA LEU D 65 6.32 22.90 16.08
C LEU D 65 7.73 22.36 16.02
N LEU D 66 8.23 22.18 14.81
CA LEU D 66 9.62 21.81 14.58
C LEU D 66 10.30 23.00 13.92
N TYR D 67 11.31 23.54 14.58
CA TYR D 67 12.20 24.52 13.99
C TYR D 67 13.46 23.81 13.52
N TYR D 68 13.97 24.20 12.35
CA TYR D 68 15.10 23.47 11.78
C TYR D 68 15.92 24.38 10.87
N THR D 69 17.21 24.04 10.74
CA THR D 69 18.09 24.70 9.79
C THR D 69 19.20 23.73 9.36
N GLU D 70 19.62 23.85 8.10
CA GLU D 70 20.81 23.12 7.66
C GLU D 70 22.00 23.52 8.52
N PHE D 71 22.92 22.58 8.71
CA PHE D 71 24.21 22.90 9.33
C PHE D 71 25.18 21.77 9.04
N THR D 72 26.45 22.10 9.16
CA THR D 72 27.54 21.14 8.96
C THR D 72 28.26 21.07 10.29
N PRO D 73 27.99 20.06 11.11
CA PRO D 73 28.59 20.03 12.45
C PRO D 73 30.10 19.82 12.38
N THR D 74 30.81 20.49 13.28
CA THR D 74 32.22 20.23 13.54
C THR D 74 32.41 20.10 15.05
N GLU D 75 33.49 19.45 15.45
CA GLU D 75 33.69 19.12 16.86
C GLU D 75 33.80 20.35 17.73
N LYS D 76 34.05 21.50 17.13
CA LYS D 76 34.36 22.70 17.88
C LYS D 76 33.16 23.63 18.03
N ASP D 77 32.23 23.60 17.07
CA ASP D 77 31.04 24.44 17.15
C ASP D 77 29.99 23.79 18.04
N GLU D 78 29.45 24.55 18.98
CA GLU D 78 28.31 24.13 19.78
C GLU D 78 27.02 24.70 19.19
N TYR D 79 25.90 24.14 19.63
CA TYR D 79 24.59 24.54 19.14
C TYR D 79 23.60 24.43 20.28
N ALA D 80 22.48 25.17 20.17
CA ALA D 80 21.47 25.18 21.21
C ALA D 80 20.16 25.69 20.65
N CYS D 81 19.10 25.55 21.46
CA CYS D 81 17.78 26.08 21.14
C CYS D 81 17.32 26.97 22.28
N ARG D 82 16.78 28.14 21.94
CA ARG D 82 16.31 29.12 22.92
C ARG D 82 14.81 29.31 22.73
N VAL D 83 14.04 29.08 23.79
CA VAL D 83 12.58 29.10 23.72
C VAL D 83 12.04 30.09 24.73
N ASN D 84 11.13 30.95 24.30
CA ASN D 84 10.40 31.81 25.20
C ASN D 84 8.90 31.60 25.04
N HIS D 85 8.20 31.58 26.16
CA HIS D 85 6.76 31.35 26.19
C HIS D 85 6.17 32.08 27.40
N VAL D 86 4.90 32.46 27.29
CA VAL D 86 4.25 33.20 28.37
C VAL D 86 4.26 32.42 29.68
N THR D 87 4.41 31.09 29.62
CA THR D 87 4.56 30.29 30.83
C THR D 87 5.96 30.39 31.40
N LEU D 88 6.96 30.64 30.55
CA LEU D 88 8.35 30.68 30.97
C LEU D 88 8.69 32.04 31.57
N SER D 89 9.15 32.05 32.81
CA SER D 89 9.64 33.27 33.44
C SER D 89 10.75 33.91 32.62
N GLN D 90 11.70 33.10 32.16
CA GLN D 90 12.82 33.57 31.34
C GLN D 90 13.02 32.56 30.23
N PRO D 91 13.71 32.97 29.15
CA PRO D 91 13.95 32.01 28.05
C PRO D 91 14.70 30.78 28.53
N LYS D 92 14.35 29.64 27.96
CA LYS D 92 14.95 28.36 28.29
C LYS D 92 15.86 27.97 27.14
N ILE D 93 17.09 27.57 27.47
CA ILE D 93 18.08 27.20 26.48
C ILE D 93 18.39 25.72 26.66
N VAL D 94 18.42 24.99 25.56
CA VAL D 94 18.67 23.55 25.58
C VAL D 94 19.79 23.27 24.60
N LYS D 95 20.92 22.80 25.11
CA LYS D 95 22.08 22.59 24.27
C LYS D 95 21.90 21.36 23.40
N TRP D 96 22.47 21.39 22.21
CA TRP D 96 22.55 20.19 21.39
C TRP D 96 23.59 19.26 22.01
N ASP D 97 23.12 18.18 22.63
CA ASP D 97 23.98 17.17 23.24
C ASP D 97 24.25 16.10 22.19
N ARG D 98 25.37 16.25 21.51
CA ARG D 98 25.71 15.40 20.38
C ARG D 98 26.11 13.99 20.84
N ASP D 99 26.65 13.88 22.05
CA ASP D 99 27.14 12.62 22.60
C ASP D 99 26.12 12.12 23.62
N MET D 100 25.01 11.58 23.12
CA MET D 100 24.04 10.93 23.99
C MET D 100 23.36 9.75 23.28
N SER E 1 -10.18 14.94 1.22
CA SER E 1 -10.75 16.28 1.10
C SER E 1 -11.64 16.58 2.33
N PRO E 2 -11.65 17.84 2.80
CA PRO E 2 -12.33 18.15 4.07
C PRO E 2 -13.84 18.15 3.95
N LYS E 3 -14.48 18.10 5.11
CA LYS E 3 -15.92 18.25 5.27
C LYS E 3 -16.21 19.62 5.86
N LEU E 4 -17.08 20.37 5.22
CA LEU E 4 -17.55 21.63 5.78
C LEU E 4 -18.41 21.34 7.00
N HIS E 5 -18.03 21.89 8.14
CA HIS E 5 -18.87 21.82 9.34
C HIS E 5 -19.47 23.21 9.49
N PHE E 6 -20.61 23.40 8.83
CA PHE E 6 -21.11 24.74 8.62
C PHE E 6 -21.79 25.32 9.87
N TYR E 7 -22.60 24.52 10.53
CA TYR E 7 -23.37 25.04 11.66
C TYR E 7 -22.42 25.30 12.84
N TYR E 8 -22.54 26.47 13.44
N TYR E 8 -22.57 26.47 13.44
CA TYR E 8 -21.60 26.88 14.47
CA TYR E 8 -21.68 26.91 14.51
C TYR E 8 -21.83 26.11 15.77
C TYR E 8 -21.82 26.03 15.75
N LEU E 9 -20.78 26.04 16.58
CA LEU E 9 -20.89 25.45 17.93
C LEU E 9 -21.84 26.33 18.75
N SER F 1 8.82 -22.38 -1.55
CA SER F 1 9.98 -21.49 -1.45
C SER F 1 10.82 -21.58 -2.74
N PRO F 2 11.35 -20.44 -3.22
CA PRO F 2 12.06 -20.42 -4.50
C PRO F 2 13.48 -20.96 -4.38
N LYS F 3 14.03 -21.31 -5.53
CA LYS F 3 15.42 -21.75 -5.67
C LYS F 3 16.21 -20.69 -6.43
N LEU F 4 17.36 -20.29 -5.87
CA LEU F 4 18.20 -19.33 -6.59
C LEU F 4 18.87 -19.99 -7.77
N HIS F 5 18.77 -19.37 -8.94
CA HIS F 5 19.46 -19.83 -10.15
C HIS F 5 20.57 -18.83 -10.42
N PHE F 6 21.73 -19.10 -9.81
CA PHE F 6 22.76 -18.09 -9.65
C PHE F 6 23.60 -17.93 -10.92
N TYR F 7 23.83 -19.00 -11.65
CA TYR F 7 24.73 -18.97 -12.81
C TYR F 7 23.99 -18.38 -14.02
N TYR F 8 24.64 -17.42 -14.69
CA TYR F 8 24.02 -16.67 -15.79
C TYR F 8 23.66 -17.57 -16.96
N LEU F 9 22.68 -17.14 -17.77
CA LEU F 9 22.45 -17.77 -19.07
C LEU F 9 23.63 -17.43 -20.01
#